data_4XII
#
_entry.id   4XII
#
_cell.length_a   77.040
_cell.length_b   79.760
_cell.length_c   230.860
_cell.angle_alpha   90.00
_cell.angle_beta   90.00
_cell.angle_gamma   90.00
#
_symmetry.space_group_name_H-M   'P 21 21 21'
#
loop_
_entity.id
_entity.type
_entity.pdbx_description
1 polymer Cholinesterase
2 branched 2-acetamido-2-deoxy-beta-D-glucopyranose-(1-4)-[beta-L-fucopyranose-(1-6)]2-acetamido-2-deoxy-beta-D-glucopyranose
3 branched 2-acetamido-2-deoxy-beta-D-glucopyranose-(1-4)-2-acetamido-2-deoxy-beta-D-glucopyranose
4 non-polymer N-{[(3R)-1-(2,3-dihydro-1H-inden-2-yl)piperidin-3-yl]methyl}-8-hydroxy-N-(2-methoxyethyl)-5-nitroquinoline-7-carboxamide
5 non-polymer 2-acetamido-2-deoxy-beta-D-glucopyranose
6 non-polymer beta-L-fucopyranose
7 non-polymer alpha-L-fucopyranose
8 non-polymer 'CHLORIDE ION'
9 non-polymer 1,2-ETHANEDIOL
10 water water
#
_entity_poly.entity_id   1
_entity_poly.type   'polypeptide(L)'
_entity_poly.pdbx_seq_one_letter_code
;EDDIIIATKNGKVRGMNLTVFGGTVTAFLGIPYAQPPLGRLRFKKPQSLTKWSDIWNATKYANSCCQNIDQSFPGFHGSE
MWNPNTDLSEDCLYLNVWIPAPKPKNATVLIWIYGGGFQTGTSSLHVYDGKFLARVERVIVVSMNYRVGALGFLALPGNP
EAPGNMGLFDQQLALQWVQKNIAAFGGNPKSVTLFGESAGAASVSLHLLSPGSHSLFTRAILQSGSFNAPWAVTSLYEAR
NRTLNLAKLTGCSRENETEIIKCLRNKDPQEILLNEAFVVPYGTPLSVNFGPTVDGDFLTDMPDILLELGQFKKTQILVG
VNKDEGTAFLVYGAPGFSKDNNSIITRKEFQEGLKIFFPGVSEFGKESILFHYTDWVDDQRPENYREALGDVVGDYNFIC
PALEFTKKFSEWGNNAFFYYFEHRSSKLPWPEWMGVMHGYEIEFVFGLPLERRDNYTKAEEILSRSIVKRWANFAKYGNP
NETQNNSTSWPVFKSTEQKYLTLNTESTRIMTKLRAQQCRFWTSFFPKVLEMTGNIDEAEWEWK
;
_entity_poly.pdbx_strand_id   A,B
#
loop_
_chem_comp.id
_chem_comp.type
_chem_comp.name
_chem_comp.formula
40V non-polymer N-{[(3R)-1-(2,3-dihydro-1H-inden-2-yl)piperidin-3-yl]methyl}-8-hydroxy-N-(2-methoxyethyl)-5-nitroquinoline-7-carboxamide 'C28 H32 N4 O5'
CL non-polymer 'CHLORIDE ION' 'Cl -1'
EDO non-polymer 1,2-ETHANEDIOL 'C2 H6 O2'
FUC L-saccharide, alpha linking alpha-L-fucopyranose 'C6 H12 O5'
FUL L-saccharide, beta linking beta-L-fucopyranose 'C6 H12 O5'
NAG D-saccharide, beta linking 2-acetamido-2-deoxy-beta-D-glucopyranose 'C8 H15 N O6'
#
# COMPACT_ATOMS: atom_id res chain seq x y z
N ASP A 3 -19.11 37.56 -0.88
CA ASP A 3 -20.22 36.62 -0.89
C ASP A 3 -19.77 35.26 -1.44
N ILE A 4 -20.49 34.20 -1.04
CA ILE A 4 -20.12 32.84 -1.43
C ILE A 4 -21.17 32.17 -2.31
N ILE A 5 -20.89 32.07 -3.60
CA ILE A 5 -21.88 31.57 -4.55
C ILE A 5 -21.26 30.68 -5.63
N ILE A 6 -21.83 29.49 -5.79
CA ILE A 6 -21.39 28.56 -6.82
C ILE A 6 -22.54 28.29 -7.78
N ALA A 7 -22.23 28.27 -9.07
CA ALA A 7 -23.25 28.01 -10.08
C ALA A 7 -23.36 26.52 -10.35
N THR A 8 -24.44 25.91 -9.87
CA THR A 8 -24.66 24.50 -10.14
C THR A 8 -25.51 24.38 -11.39
N LYS A 9 -25.60 23.16 -11.92
CA LYS A 9 -26.33 22.92 -13.14
C LYS A 9 -27.85 23.10 -12.93
N ASN A 10 -28.27 23.28 -11.68
CA ASN A 10 -29.68 23.51 -11.38
C ASN A 10 -29.93 24.92 -10.86
N GLY A 11 -28.91 25.76 -10.94
CA GLY A 11 -29.04 27.11 -10.44
C GLY A 11 -27.95 27.45 -9.47
N LYS A 12 -27.98 28.67 -8.94
CA LYS A 12 -26.93 29.13 -8.05
C LYS A 12 -27.31 28.81 -6.61
N VAL A 13 -26.29 28.65 -5.78
CA VAL A 13 -26.48 28.28 -4.39
C VAL A 13 -25.51 29.07 -3.51
N ARG A 14 -25.99 29.52 -2.35
CA ARG A 14 -25.18 30.34 -1.46
C ARG A 14 -24.81 29.59 -0.19
N GLY A 15 -23.53 29.68 0.18
CA GLY A 15 -23.01 28.97 1.35
C GLY A 15 -22.62 29.87 2.51
N MET A 16 -21.71 29.37 3.36
CA MET A 16 -21.24 30.10 4.52
C MET A 16 -19.78 29.76 4.85
N ASN A 17 -19.11 30.66 5.59
CA ASN A 17 -17.75 30.40 6.04
C ASN A 17 -17.72 29.85 7.46
N LEU A 18 -16.95 28.77 7.66
CA LEU A 18 -16.76 28.20 9.00
C LEU A 18 -15.34 28.37 9.49
N THR A 19 -15.22 28.55 10.79
CA THR A 19 -13.94 28.68 11.46
C THR A 19 -13.50 27.32 12.01
N VAL A 20 -12.42 26.78 11.46
CA VAL A 20 -11.93 25.47 11.86
C VAL A 20 -10.42 25.52 12.00
N PHE A 21 -9.92 25.42 13.23
CA PHE A 21 -8.47 25.39 13.48
C PHE A 21 -7.72 26.53 12.79
N GLY A 22 -8.07 27.77 13.12
CA GLY A 22 -7.37 28.93 12.58
C GLY A 22 -7.54 29.17 11.09
N GLY A 23 -8.29 28.30 10.42
CA GLY A 23 -8.53 28.43 8.99
C GLY A 23 -10.00 28.51 8.67
N THR A 24 -10.34 28.35 7.39
CA THR A 24 -11.72 28.51 6.96
C THR A 24 -12.19 27.33 6.11
N VAL A 25 -13.41 26.89 6.34
CA VAL A 25 -14.03 25.87 5.53
C VAL A 25 -15.35 26.39 4.95
N THR A 26 -15.49 26.30 3.63
CA THR A 26 -16.72 26.68 2.94
C THR A 26 -17.75 25.55 2.95
N ALA A 27 -18.91 25.80 3.56
CA ALA A 27 -19.93 24.76 3.70
C ALA A 27 -21.23 25.14 3.00
N PHE A 28 -21.75 24.21 2.21
CA PHE A 28 -23.05 24.37 1.60
C PHE A 28 -23.97 23.31 2.17
N LEU A 29 -24.88 23.71 3.05
CA LEU A 29 -25.76 22.77 3.73
C LEU A 29 -27.18 22.75 3.19
N GLY A 30 -27.61 21.60 2.68
CA GLY A 30 -29.01 21.42 2.32
C GLY A 30 -29.32 21.71 0.87
N ILE A 31 -28.35 21.48 -0.01
CA ILE A 31 -28.61 21.51 -1.44
C ILE A 31 -29.55 20.39 -1.84
N PRO A 32 -30.69 20.74 -2.46
CA PRO A 32 -31.64 19.73 -2.96
C PRO A 32 -31.11 19.01 -4.19
N TYR A 33 -31.26 17.68 -4.25
CA TYR A 33 -30.72 16.94 -5.39
C TYR A 33 -31.79 16.17 -6.13
N ALA A 34 -33.01 16.27 -5.65
CA ALA A 34 -34.13 15.60 -6.31
C ALA A 34 -35.46 16.25 -5.94
N GLN A 35 -36.47 15.99 -6.73
CA GLN A 35 -37.84 16.40 -6.42
C GLN A 35 -38.29 15.75 -5.12
N PRO A 36 -38.93 16.52 -4.24
CA PRO A 36 -39.48 15.95 -3.00
C PRO A 36 -40.38 14.75 -3.29
N PRO A 37 -40.09 13.60 -2.67
CA PRO A 37 -40.91 12.41 -2.96
C PRO A 37 -42.31 12.49 -2.37
N LEU A 38 -43.06 13.53 -2.73
CA LEU A 38 -44.36 13.84 -2.15
C LEU A 38 -45.58 13.38 -2.95
N GLY A 39 -46.66 13.12 -2.24
CA GLY A 39 -47.93 12.81 -2.86
C GLY A 39 -47.84 11.55 -3.68
N ARG A 40 -47.98 11.67 -4.99
CA ARG A 40 -47.94 10.51 -5.87
C ARG A 40 -46.50 10.07 -6.14
N LEU A 41 -45.54 10.87 -5.70
CA LEU A 41 -44.13 10.50 -5.84
C LEU A 41 -43.64 9.64 -4.68
N ARG A 42 -44.50 9.46 -3.67
CA ARG A 42 -44.19 8.54 -2.59
C ARG A 42 -43.97 7.13 -3.14
N PHE A 43 -42.94 6.46 -2.64
CA PHE A 43 -42.57 5.09 -3.01
C PHE A 43 -41.93 4.92 -4.38
N LYS A 44 -41.71 6.03 -5.09
CA LYS A 44 -41.14 5.97 -6.42
C LYS A 44 -39.67 6.37 -6.41
N LYS A 45 -38.96 5.97 -7.46
CA LYS A 45 -37.57 6.35 -7.62
C LYS A 45 -37.47 7.88 -7.64
N PRO A 46 -36.33 8.42 -7.19
CA PRO A 46 -36.23 9.89 -7.14
C PRO A 46 -36.32 10.52 -8.53
N GLN A 47 -37.05 11.63 -8.64
CA GLN A 47 -37.19 12.33 -9.91
C GLN A 47 -36.18 13.46 -9.98
N SER A 48 -35.63 13.67 -11.17
CA SER A 48 -34.57 14.64 -11.34
C SER A 48 -35.08 16.05 -11.12
N LEU A 49 -34.18 16.94 -10.78
CA LEU A 49 -34.54 18.30 -10.45
C LEU A 49 -34.52 19.12 -11.73
N THR A 50 -35.34 20.16 -11.81
CA THR A 50 -35.30 21.00 -13.00
C THR A 50 -34.30 22.13 -12.82
N LYS A 51 -34.77 23.27 -12.31
CA LYS A 51 -33.89 24.42 -12.09
C LYS A 51 -34.59 25.45 -11.26
N TRP A 52 -33.83 26.23 -10.49
CA TRP A 52 -34.39 27.38 -9.80
C TRP A 52 -33.73 28.68 -10.29
N SER A 53 -34.57 29.70 -10.50
CA SER A 53 -34.14 30.98 -11.08
C SER A 53 -33.19 31.77 -10.18
N ASP A 54 -33.55 31.84 -8.90
CA ASP A 54 -32.85 32.67 -7.93
C ASP A 54 -31.63 32.00 -7.33
N ILE A 55 -31.34 32.37 -6.09
CA ILE A 55 -30.24 31.79 -5.33
C ILE A 55 -30.77 30.94 -4.18
N TRP A 56 -30.39 29.66 -4.16
CA TRP A 56 -30.77 28.76 -3.09
C TRP A 56 -29.86 28.94 -1.88
N ASN A 57 -30.47 29.14 -0.71
CA ASN A 57 -29.68 29.40 0.48
C ASN A 57 -29.32 28.13 1.27
N ALA A 58 -28.14 27.59 0.97
CA ALA A 58 -27.65 26.39 1.63
C ALA A 58 -26.90 26.74 2.89
N THR A 59 -27.62 27.14 3.93
CA THR A 59 -26.97 27.63 5.14
C THR A 59 -27.48 26.98 6.41
N LYS A 60 -28.33 25.99 6.26
CA LYS A 60 -28.82 25.23 7.40
C LYS A 60 -29.04 23.79 6.96
N TYR A 61 -28.90 22.85 7.89
CA TYR A 61 -29.23 21.47 7.59
C TYR A 61 -30.70 21.34 7.18
N ALA A 62 -30.98 20.53 6.17
CA ALA A 62 -32.36 20.33 5.71
C ALA A 62 -33.12 19.36 6.62
N ASN A 63 -34.35 19.05 6.22
CA ASN A 63 -35.15 18.07 6.93
C ASN A 63 -34.52 16.68 6.92
N SER A 64 -34.79 15.92 7.97
CA SER A 64 -34.46 14.52 8.01
C SER A 64 -35.63 13.75 7.44
N CYS A 65 -35.36 12.63 6.80
CA CYS A 65 -36.42 11.81 6.25
C CYS A 65 -37.25 11.19 7.37
N CYS A 66 -38.52 10.95 7.10
CA CYS A 66 -39.40 10.36 8.08
C CYS A 66 -38.84 9.03 8.62
N GLN A 67 -38.94 8.87 9.95
CA GLN A 67 -38.41 7.71 10.64
C GLN A 67 -38.86 7.66 12.11
N ASN A 68 -38.95 6.47 12.68
CA ASN A 68 -39.18 6.32 14.12
C ASN A 68 -37.95 6.78 14.91
N ILE A 69 -38.21 7.30 16.10
CA ILE A 69 -37.19 7.88 16.98
C ILE A 69 -36.87 6.95 18.14
N ASP A 70 -35.59 6.83 18.47
CA ASP A 70 -35.15 6.03 19.61
C ASP A 70 -35.39 6.75 20.93
N GLN A 71 -36.40 6.34 21.67
CA GLN A 71 -36.68 6.96 22.96
C GLN A 71 -36.68 5.97 24.12
N SER A 72 -35.85 4.94 23.99
CA SER A 72 -35.72 3.93 25.02
C SER A 72 -35.14 4.57 26.27
N PHE A 73 -34.23 5.51 26.09
CA PHE A 73 -33.61 6.19 27.22
C PHE A 73 -33.68 7.70 27.05
N PRO A 74 -34.84 8.31 27.37
CA PRO A 74 -35.04 9.75 27.29
C PRO A 74 -34.01 10.54 28.09
N GLY A 75 -33.40 11.54 27.46
CA GLY A 75 -32.40 12.35 28.12
C GLY A 75 -31.00 11.76 28.08
N PHE A 76 -30.90 10.49 27.74
CA PHE A 76 -29.60 9.82 27.67
C PHE A 76 -28.88 10.17 26.38
N HIS A 77 -27.66 10.69 26.49
CA HIS A 77 -26.92 11.11 25.29
C HIS A 77 -26.51 9.93 24.43
N GLY A 78 -26.25 8.79 25.06
CA GLY A 78 -25.78 7.63 24.33
C GLY A 78 -26.71 7.20 23.20
N SER A 79 -28.01 7.35 23.40
CA SER A 79 -28.97 6.93 22.39
C SER A 79 -29.50 8.09 21.57
N GLU A 80 -29.70 9.24 22.21
CA GLU A 80 -30.31 10.40 21.57
C GLU A 80 -29.35 11.13 20.64
N MET A 81 -28.07 10.79 20.70
CA MET A 81 -27.08 11.35 19.79
C MET A 81 -27.25 10.82 18.37
N TRP A 82 -28.08 9.79 18.22
CA TRP A 82 -28.34 9.19 16.90
C TRP A 82 -29.70 9.62 16.41
N ASN A 83 -30.52 10.19 17.30
CA ASN A 83 -31.81 10.72 16.88
C ASN A 83 -31.59 11.96 16.01
N PRO A 84 -32.42 12.13 14.99
CA PRO A 84 -32.29 13.25 14.06
C PRO A 84 -32.35 14.60 14.76
N ASN A 85 -31.55 15.55 14.29
CA ASN A 85 -31.48 16.88 14.90
C ASN A 85 -32.08 17.97 14.00
N THR A 86 -32.96 17.57 13.08
CA THR A 86 -33.76 18.51 12.30
C THR A 86 -35.21 18.01 12.18
N ASP A 87 -36.10 18.82 11.65
CA ASP A 87 -37.50 18.40 11.54
C ASP A 87 -37.64 17.23 10.58
N LEU A 88 -38.56 16.31 10.87
CA LEU A 88 -38.80 15.17 10.00
C LEU A 88 -39.80 15.55 8.93
N SER A 89 -39.62 15.02 7.73
CA SER A 89 -40.52 15.31 6.60
C SER A 89 -40.22 14.42 5.40
N GLU A 90 -41.24 14.13 4.59
CA GLU A 90 -41.06 13.40 3.34
C GLU A 90 -40.21 14.18 2.34
N ASP A 91 -40.11 15.48 2.54
CA ASP A 91 -39.27 16.33 1.70
C ASP A 91 -37.87 16.36 2.31
N CYS A 92 -37.00 15.46 1.89
CA CYS A 92 -35.72 15.28 2.56
C CYS A 92 -34.55 14.98 1.64
N LEU A 93 -34.80 14.93 0.34
CA LEU A 93 -33.71 14.65 -0.59
C LEU A 93 -32.80 15.86 -0.76
N TYR A 94 -31.96 16.11 0.25
CA TYR A 94 -30.97 17.20 0.18
C TYR A 94 -29.59 16.66 0.51
N LEU A 95 -28.55 17.42 0.19
CA LEU A 95 -27.19 16.99 0.54
C LEU A 95 -26.35 18.14 1.06
N ASN A 96 -25.20 17.81 1.62
CA ASN A 96 -24.29 18.80 2.17
C ASN A 96 -22.91 18.74 1.51
N VAL A 97 -22.26 19.88 1.38
CA VAL A 97 -20.92 19.93 0.80
C VAL A 97 -19.97 20.78 1.65
N TRP A 98 -18.83 20.21 2.02
CA TRP A 98 -17.80 20.95 2.74
C TRP A 98 -16.59 21.10 1.83
N ILE A 99 -16.02 22.30 1.79
CA ILE A 99 -14.87 22.56 0.92
C ILE A 99 -13.75 23.24 1.69
N PRO A 100 -12.50 22.81 1.46
CA PRO A 100 -11.41 23.54 2.14
C PRO A 100 -11.24 24.96 1.58
N ALA A 101 -10.63 25.84 2.37
CA ALA A 101 -10.26 27.16 1.89
C ALA A 101 -8.77 27.39 2.12
N PRO A 102 -8.06 27.92 1.10
CA PRO A 102 -8.58 28.37 -0.18
C PRO A 102 -9.12 27.26 -1.06
N LYS A 103 -10.02 27.62 -1.98
CA LYS A 103 -10.69 26.68 -2.84
C LYS A 103 -9.68 25.85 -3.63
N PRO A 104 -9.95 24.54 -3.75
CA PRO A 104 -8.97 23.67 -4.39
C PRO A 104 -9.18 23.64 -5.88
N LYS A 105 -8.26 23.01 -6.60
CA LYS A 105 -8.36 22.91 -8.04
C LYS A 105 -8.98 21.58 -8.49
N ASN A 106 -8.56 20.50 -7.85
CA ASN A 106 -8.93 19.15 -8.28
C ASN A 106 -8.98 18.23 -7.08
N ALA A 107 -9.67 18.67 -6.03
CA ALA A 107 -9.73 17.92 -4.79
C ALA A 107 -10.45 16.59 -4.90
N THR A 108 -9.95 15.63 -4.13
CA THR A 108 -10.58 14.34 -4.02
C THR A 108 -11.79 14.45 -3.11
N VAL A 109 -12.86 13.75 -3.47
CA VAL A 109 -14.14 13.86 -2.78
C VAL A 109 -14.47 12.59 -1.98
N LEU A 110 -14.81 12.77 -0.72
CA LEU A 110 -15.30 11.69 0.15
C LEU A 110 -16.79 11.81 0.37
N ILE A 111 -17.57 10.79 -0.01
CA ILE A 111 -19.03 10.85 0.14
C ILE A 111 -19.54 9.90 1.22
N TRP A 112 -20.30 10.42 2.18
CA TRP A 112 -20.71 9.68 3.36
C TRP A 112 -22.13 9.19 3.27
N ILE A 113 -22.32 7.90 3.55
CA ILE A 113 -23.65 7.31 3.53
C ILE A 113 -23.98 6.79 4.93
N TYR A 114 -24.89 7.46 5.63
CA TYR A 114 -25.12 7.14 7.04
C TYR A 114 -25.74 5.76 7.27
N GLY A 115 -25.49 5.25 8.46
CA GLY A 115 -25.99 3.95 8.84
C GLY A 115 -27.30 3.99 9.59
N GLY A 116 -27.75 2.80 9.96
CA GLY A 116 -29.02 2.61 10.62
C GLY A 116 -29.42 1.21 10.23
N GLY A 117 -30.68 0.85 10.35
CA GLY A 117 -31.11 -0.45 9.89
C GLY A 117 -31.77 -0.26 8.55
N PHE A 118 -31.34 0.80 7.87
CA PHE A 118 -32.04 1.32 6.68
C PHE A 118 -33.40 1.90 7.10
N GLN A 119 -33.61 2.04 8.41
CA GLN A 119 -34.87 2.56 8.98
C GLN A 119 -34.73 3.95 9.59
N THR A 120 -33.50 4.36 9.88
CA THR A 120 -33.28 5.61 10.59
C THR A 120 -32.02 6.25 10.07
N GLY A 121 -31.71 7.43 10.58
CA GLY A 121 -30.44 8.06 10.26
C GLY A 121 -30.62 9.34 9.48
N THR A 122 -29.56 10.15 9.46
CA THR A 122 -29.56 11.40 8.73
C THR A 122 -28.14 11.97 8.61
N SER A 123 -27.94 12.81 7.62
CA SER A 123 -26.62 13.29 7.29
C SER A 123 -26.19 14.50 8.13
N SER A 124 -27.09 15.01 8.96
CA SER A 124 -26.85 16.24 9.73
C SER A 124 -26.41 15.99 11.19
N LEU A 125 -26.03 14.76 11.53
CA LEU A 125 -25.61 14.46 12.89
C LEU A 125 -24.31 15.14 13.20
N HIS A 126 -24.08 15.43 14.48
CA HIS A 126 -22.84 16.06 14.91
C HIS A 126 -21.62 15.22 14.54
N VAL A 127 -21.72 13.91 14.67
CA VAL A 127 -20.57 13.03 14.40
C VAL A 127 -20.27 12.85 12.92
N TYR A 128 -21.19 13.28 12.05
CA TYR A 128 -20.96 13.20 10.60
C TYR A 128 -20.47 14.52 10.02
N ASP A 129 -19.94 15.39 10.87
CA ASP A 129 -19.49 16.70 10.43
C ASP A 129 -18.22 16.64 9.56
N GLY A 130 -18.37 16.97 8.28
CA GLY A 130 -17.24 16.94 7.36
C GLY A 130 -16.24 18.09 7.37
N LYS A 131 -16.44 19.09 8.22
CA LYS A 131 -15.59 20.28 8.19
C LYS A 131 -14.15 20.02 8.64
N PHE A 132 -13.97 19.10 9.59
CA PHE A 132 -12.64 18.72 10.07
C PHE A 132 -11.84 18.07 8.97
N LEU A 133 -12.49 17.12 8.28
CA LEU A 133 -11.86 16.42 7.18
C LEU A 133 -11.46 17.36 6.05
N ALA A 134 -12.27 18.37 5.81
CA ALA A 134 -11.96 19.33 4.76
C ALA A 134 -10.79 20.21 5.19
N ARG A 135 -10.80 20.66 6.45
CA ARG A 135 -9.72 21.52 6.95
C ARG A 135 -8.39 20.81 7.00
N VAL A 136 -8.40 19.62 7.58
CA VAL A 136 -7.18 18.93 7.96
C VAL A 136 -6.53 18.20 6.77
N GLU A 137 -7.37 17.63 5.90
CA GLU A 137 -6.84 16.85 4.78
C GLU A 137 -7.15 17.43 3.40
N ARG A 138 -7.84 18.57 3.37
CA ARG A 138 -8.11 19.26 2.11
C ARG A 138 -8.84 18.39 1.10
N VAL A 139 -9.83 17.67 1.60
CA VAL A 139 -10.72 16.90 0.74
C VAL A 139 -12.07 17.60 0.70
N ILE A 140 -12.85 17.31 -0.33
CA ILE A 140 -14.22 17.77 -0.34
C ILE A 140 -15.10 16.68 0.27
N VAL A 141 -15.97 17.06 1.20
CA VAL A 141 -16.82 16.08 1.85
C VAL A 141 -18.29 16.34 1.53
N VAL A 142 -18.94 15.28 1.06
CA VAL A 142 -20.33 15.31 0.64
C VAL A 142 -21.14 14.30 1.45
N SER A 143 -22.33 14.70 1.90
CA SER A 143 -23.23 13.75 2.54
C SER A 143 -24.66 14.04 2.16
N MET A 144 -25.45 13.00 1.97
CA MET A 144 -26.81 13.15 1.47
C MET A 144 -27.81 12.48 2.41
N ASN A 145 -29.07 12.89 2.32
CA ASN A 145 -30.17 12.17 2.95
C ASN A 145 -30.85 11.26 1.92
N TYR A 146 -31.22 10.06 2.37
CA TYR A 146 -31.93 9.10 1.55
C TYR A 146 -33.08 8.55 2.36
N ARG A 147 -34.16 8.16 1.70
CA ARG A 147 -35.35 7.67 2.39
C ARG A 147 -35.09 6.35 3.11
N VAL A 148 -35.58 6.25 4.33
CA VAL A 148 -35.39 5.04 5.13
C VAL A 148 -36.75 4.39 5.45
N GLY A 149 -36.75 3.22 6.08
CA GLY A 149 -37.99 2.52 6.35
C GLY A 149 -38.80 2.18 5.11
N ALA A 150 -40.09 1.91 5.29
CA ALA A 150 -40.99 1.55 4.19
C ALA A 150 -41.03 2.64 3.11
N LEU A 151 -40.89 3.89 3.52
CA LEU A 151 -40.92 5.00 2.57
C LEU A 151 -39.77 4.94 1.60
N GLY A 152 -38.71 4.21 1.95
CA GLY A 152 -37.54 4.12 1.10
C GLY A 152 -37.32 2.76 0.49
N PHE A 153 -37.92 1.73 1.10
CA PHE A 153 -37.61 0.38 0.66
C PHE A 153 -38.83 -0.53 0.53
N LEU A 154 -40.04 0.04 0.58
CA LEU A 154 -41.23 -0.75 0.33
C LEU A 154 -41.10 -1.33 -1.05
N ALA A 155 -41.55 -2.56 -1.22
CA ALA A 155 -41.34 -3.26 -2.47
C ALA A 155 -42.54 -4.04 -3.01
N LEU A 156 -42.88 -3.75 -4.26
CA LEU A 156 -43.70 -4.60 -5.10
C LEU A 156 -42.89 -4.75 -6.40
N PRO A 157 -42.09 -5.80 -6.49
CA PRO A 157 -41.08 -5.93 -7.53
C PRO A 157 -41.65 -5.89 -8.94
N GLY A 158 -41.17 -4.95 -9.75
CA GLY A 158 -41.61 -4.82 -11.13
C GLY A 158 -42.63 -3.73 -11.30
N ASN A 159 -43.11 -3.23 -10.16
CA ASN A 159 -44.14 -2.22 -10.15
C ASN A 159 -43.52 -0.88 -9.87
N PRO A 160 -43.41 -0.02 -10.90
CA PRO A 160 -42.74 1.28 -10.81
C PRO A 160 -43.38 2.22 -9.79
N GLU A 161 -44.49 1.78 -9.22
CA GLU A 161 -45.21 2.58 -8.26
C GLU A 161 -44.57 2.38 -6.89
N ALA A 162 -43.88 1.25 -6.74
CA ALA A 162 -43.10 0.92 -5.55
C ALA A 162 -42.19 -0.28 -5.84
N PRO A 163 -41.08 -0.05 -6.53
CA PRO A 163 -40.29 -1.19 -7.02
C PRO A 163 -39.29 -1.73 -5.99
N GLY A 164 -38.97 -0.95 -4.97
CA GLY A 164 -37.96 -1.33 -3.99
C GLY A 164 -36.69 -0.55 -4.21
N ASN A 165 -35.89 -0.42 -3.16
CA ASN A 165 -34.59 0.23 -3.22
C ASN A 165 -34.62 1.71 -3.58
N MET A 166 -35.73 2.37 -3.33
CA MET A 166 -35.86 3.77 -3.68
C MET A 166 -34.76 4.58 -2.99
N GLY A 167 -34.55 4.31 -1.70
CA GLY A 167 -33.50 4.97 -0.92
C GLY A 167 -32.11 4.77 -1.50
N LEU A 168 -31.85 3.60 -2.06
CA LEU A 168 -30.56 3.36 -2.71
C LEU A 168 -30.44 4.20 -3.95
N PHE A 169 -31.53 4.31 -4.70
CA PHE A 169 -31.57 5.18 -5.88
C PHE A 169 -31.47 6.66 -5.46
N ASP A 170 -31.98 6.97 -4.28
CA ASP A 170 -31.73 8.29 -3.70
C ASP A 170 -30.22 8.52 -3.58
N GLN A 171 -29.51 7.59 -2.94
CA GLN A 171 -28.07 7.70 -2.82
C GLN A 171 -27.43 7.87 -4.19
N GLN A 172 -27.83 7.02 -5.13
CA GLN A 172 -27.23 7.01 -6.44
C GLN A 172 -27.42 8.35 -7.16
N LEU A 173 -28.57 8.98 -6.96
CA LEU A 173 -28.83 10.27 -7.62
C LEU A 173 -27.97 11.36 -7.02
N ALA A 174 -27.70 11.28 -5.73
CA ALA A 174 -26.77 12.21 -5.11
C ALA A 174 -25.38 11.98 -5.72
N LEU A 175 -25.02 10.73 -6.00
CA LEU A 175 -23.73 10.47 -6.64
C LEU A 175 -23.69 11.07 -8.05
N GLN A 176 -24.81 11.02 -8.76
CA GLN A 176 -24.92 11.68 -10.06
C GLN A 176 -24.73 13.17 -9.90
N TRP A 177 -25.30 13.72 -8.84
CA TRP A 177 -25.18 15.15 -8.58
C TRP A 177 -23.73 15.56 -8.43
N VAL A 178 -22.95 14.73 -7.74
CA VAL A 178 -21.54 15.01 -7.54
C VAL A 178 -20.80 14.94 -8.88
N GLN A 179 -21.05 13.90 -9.66
CA GLN A 179 -20.48 13.79 -10.99
C GLN A 179 -20.74 15.03 -11.83
N LYS A 180 -21.93 15.60 -11.72
CA LYS A 180 -22.28 16.72 -12.58
C LYS A 180 -21.91 18.10 -12.03
N ASN A 181 -21.68 18.22 -10.73
CA ASN A 181 -21.50 19.54 -10.14
C ASN A 181 -20.24 19.77 -9.32
N ILE A 182 -19.57 18.71 -8.90
CA ILE A 182 -18.58 18.86 -7.87
C ILE A 182 -17.38 19.65 -8.38
N ALA A 183 -17.18 19.66 -9.69
CA ALA A 183 -16.05 20.37 -10.27
C ALA A 183 -16.22 21.87 -10.05
N ALA A 184 -17.47 22.33 -10.04
CA ALA A 184 -17.75 23.73 -9.80
C ALA A 184 -17.32 24.18 -8.40
N PHE A 185 -17.23 23.22 -7.48
CA PHE A 185 -16.81 23.50 -6.12
C PHE A 185 -15.31 23.23 -6.00
N GLY A 186 -14.73 22.73 -7.07
CA GLY A 186 -13.30 22.47 -7.11
C GLY A 186 -12.92 21.01 -6.89
N GLY A 187 -13.89 20.12 -7.08
CA GLY A 187 -13.67 18.71 -6.86
C GLY A 187 -13.34 17.95 -8.12
N ASN A 188 -12.73 16.79 -7.95
CA ASN A 188 -12.38 15.95 -9.06
C ASN A 188 -13.37 14.82 -9.12
N PRO A 189 -14.32 14.88 -10.06
CA PRO A 189 -15.30 13.80 -10.15
C PRO A 189 -14.67 12.46 -10.53
N LYS A 190 -13.39 12.46 -10.91
CA LYS A 190 -12.71 11.22 -11.27
C LYS A 190 -11.91 10.68 -10.09
N SER A 191 -12.08 11.34 -8.94
CA SER A 191 -11.53 10.86 -7.69
C SER A 191 -12.57 10.97 -6.59
N VAL A 192 -13.54 10.06 -6.64
CA VAL A 192 -14.66 10.05 -5.70
C VAL A 192 -14.68 8.76 -4.89
N THR A 193 -14.75 8.90 -3.57
CA THR A 193 -14.71 7.75 -2.67
C THR A 193 -15.96 7.70 -1.80
N LEU A 194 -16.68 6.59 -1.88
CA LEU A 194 -17.83 6.36 -1.02
C LEU A 194 -17.33 5.80 0.28
N PHE A 195 -17.91 6.25 1.40
CA PHE A 195 -17.71 5.56 2.66
C PHE A 195 -18.96 5.68 3.51
N GLY A 196 -19.19 4.69 4.35
CA GLY A 196 -20.37 4.66 5.19
C GLY A 196 -20.17 3.68 6.31
N GLU A 197 -21.06 3.71 7.29
CA GLU A 197 -20.97 2.80 8.41
C GLU A 197 -22.23 1.94 8.52
N SER A 198 -22.05 0.65 8.74
CA SER A 198 -23.16 -0.29 8.90
C SER A 198 -24.05 -0.37 7.66
N ALA A 199 -25.33 0.00 7.78
CA ALA A 199 -26.19 0.05 6.59
C ALA A 199 -25.62 1.00 5.54
N GLY A 200 -24.85 1.98 5.98
CA GLY A 200 -24.14 2.83 5.05
C GLY A 200 -23.04 2.03 4.38
N ALA A 201 -22.34 1.22 5.17
CA ALA A 201 -21.32 0.32 4.63
C ALA A 201 -21.96 -0.71 3.71
N ALA A 202 -23.11 -1.24 4.11
CA ALA A 202 -23.82 -2.19 3.27
C ALA A 202 -24.29 -1.56 1.97
N SER A 203 -24.75 -0.33 2.05
CA SER A 203 -25.14 0.42 0.86
C SER A 203 -23.95 0.61 -0.07
N VAL A 204 -22.83 0.98 0.52
CA VAL A 204 -21.60 1.15 -0.24
C VAL A 204 -21.23 -0.12 -1.00
N SER A 205 -21.27 -1.26 -0.32
CA SER A 205 -20.90 -2.52 -0.97
C SER A 205 -21.88 -2.86 -2.09
N LEU A 206 -23.14 -2.39 -1.96
CA LEU A 206 -24.10 -2.62 -3.02
C LEU A 206 -23.84 -1.74 -4.24
N HIS A 207 -23.28 -0.55 -4.04
CA HIS A 207 -22.96 0.29 -5.18
C HIS A 207 -21.85 -0.34 -6.01
N LEU A 208 -21.02 -1.15 -5.38
CA LEU A 208 -20.02 -1.91 -6.11
C LEU A 208 -20.70 -2.91 -7.01
N LEU A 209 -21.81 -3.47 -6.52
CA LEU A 209 -22.52 -4.47 -7.32
C LEU A 209 -23.36 -3.84 -8.42
N SER A 210 -24.03 -2.73 -8.12
CA SER A 210 -25.00 -2.19 -9.05
C SER A 210 -24.34 -1.46 -10.22
N PRO A 211 -24.55 -1.98 -11.44
CA PRO A 211 -24.02 -1.38 -12.68
C PRO A 211 -24.27 0.12 -12.80
N GLY A 212 -25.43 0.58 -12.34
CA GLY A 212 -25.78 1.99 -12.45
C GLY A 212 -24.84 2.97 -11.74
N SER A 213 -24.12 2.50 -10.72
CA SER A 213 -23.27 3.35 -9.90
C SER A 213 -21.83 3.32 -10.35
N HIS A 214 -21.51 2.39 -11.24
CA HIS A 214 -20.11 2.08 -11.51
CA HIS A 214 -20.15 2.05 -11.63
C HIS A 214 -19.31 3.27 -12.01
N SER A 215 -19.92 4.18 -12.76
CA SER A 215 -19.19 5.36 -13.23
C SER A 215 -19.33 6.56 -12.28
N LEU A 216 -19.97 6.34 -11.14
CA LEU A 216 -20.28 7.44 -10.22
C LEU A 216 -19.36 7.52 -9.00
N PHE A 217 -18.38 6.63 -8.89
CA PHE A 217 -17.38 6.72 -7.81
C PHE A 217 -16.12 5.94 -8.14
N THR A 218 -15.07 6.10 -7.34
CA THR A 218 -13.75 5.49 -7.63
C THR A 218 -13.38 4.36 -6.67
N ARG A 219 -13.47 4.62 -5.38
CA ARG A 219 -13.09 3.63 -4.36
C ARG A 219 -14.14 3.57 -3.26
N ALA A 220 -14.02 2.59 -2.39
CA ALA A 220 -15.05 2.37 -1.37
C ALA A 220 -14.43 2.11 0.01
N ILE A 221 -15.07 2.61 1.05
CA ILE A 221 -14.68 2.30 2.42
C ILE A 221 -15.89 1.75 3.18
N LEU A 222 -15.72 0.60 3.84
CA LEU A 222 -16.84 -0.06 4.51
C LEU A 222 -16.57 -0.21 5.99
N GLN A 223 -17.30 0.53 6.79
CA GLN A 223 -17.14 0.46 8.24
C GLN A 223 -18.28 -0.35 8.86
N SER A 224 -17.93 -1.44 9.53
CA SER A 224 -18.93 -2.28 10.20
C SER A 224 -20.15 -2.66 9.36
N GLY A 225 -19.96 -2.98 8.09
CA GLY A 225 -21.08 -3.41 7.30
C GLY A 225 -20.71 -3.93 5.93
N SER A 226 -21.57 -4.80 5.39
CA SER A 226 -21.45 -5.30 4.04
C SER A 226 -22.74 -6.02 3.68
N PHE A 227 -22.98 -6.22 2.39
CA PHE A 227 -24.27 -6.75 1.97
C PHE A 227 -24.49 -8.22 2.34
N ASN A 228 -23.41 -8.95 2.59
CA ASN A 228 -23.53 -10.37 2.90
C ASN A 228 -23.82 -10.57 4.39
N ALA A 229 -23.96 -9.48 5.13
CA ALA A 229 -24.40 -9.56 6.52
C ALA A 229 -25.82 -10.09 6.51
N PRO A 230 -26.17 -10.92 7.51
CA PRO A 230 -27.49 -11.57 7.52
C PRO A 230 -28.65 -10.61 7.53
N TRP A 231 -28.42 -9.39 7.99
CA TRP A 231 -29.50 -8.42 8.12
C TRP A 231 -29.60 -7.48 6.95
N ALA A 232 -28.64 -7.55 6.02
CA ALA A 232 -28.50 -6.47 5.05
C ALA A 232 -29.53 -6.51 3.93
N VAL A 233 -29.86 -7.71 3.45
CA VAL A 233 -30.66 -7.87 2.24
C VAL A 233 -31.80 -8.87 2.40
N THR A 234 -32.97 -8.46 1.89
CA THR A 234 -34.20 -9.24 2.00
C THR A 234 -34.53 -9.92 0.67
N SER A 235 -34.93 -11.18 0.70
CA SER A 235 -35.30 -11.88 -0.52
C SER A 235 -36.54 -11.28 -1.19
N LEU A 236 -36.66 -11.52 -2.49
CA LEU A 236 -37.77 -10.99 -3.30
C LEU A 236 -39.15 -11.29 -2.74
N TYR A 237 -39.31 -12.48 -2.16
CA TYR A 237 -40.61 -12.91 -1.64
C TYR A 237 -40.86 -12.32 -0.27
N GLU A 238 -39.80 -12.13 0.49
CA GLU A 238 -39.95 -11.66 1.85
C GLU A 238 -40.23 -10.16 1.86
N ALA A 239 -39.80 -9.45 0.83
CA ALA A 239 -40.16 -8.04 0.66
C ALA A 239 -41.65 -7.90 0.32
N ARG A 240 -42.11 -8.77 -0.58
CA ARG A 240 -43.50 -8.71 -1.00
C ARG A 240 -44.43 -9.03 0.16
N ASN A 241 -44.08 -10.05 0.94
CA ASN A 241 -44.91 -10.44 2.05
C ASN A 241 -44.98 -9.38 3.13
N ARG A 242 -43.94 -8.57 3.24
CA ARG A 242 -43.90 -7.53 4.25
C ARG A 242 -44.70 -6.32 3.82
N THR A 243 -44.69 -6.04 2.51
CA THR A 243 -45.51 -4.97 1.96
C THR A 243 -46.99 -5.26 2.18
N LEU A 244 -47.36 -6.52 1.98
CA LEU A 244 -48.72 -6.96 2.14
C LEU A 244 -49.12 -6.95 3.60
N ASN A 245 -48.19 -7.35 4.47
CA ASN A 245 -48.46 -7.29 5.91
C ASN A 245 -48.72 -5.85 6.33
N LEU A 246 -47.97 -4.92 5.75
CA LEU A 246 -48.09 -3.50 6.05
C LEU A 246 -49.43 -2.96 5.54
N ALA A 247 -49.80 -3.37 4.34
CA ALA A 247 -51.09 -2.98 3.78
C ALA A 247 -52.22 -3.46 4.66
N LYS A 248 -52.14 -4.71 5.12
CA LYS A 248 -53.16 -5.26 6.01
C LYS A 248 -53.21 -4.49 7.32
N LEU A 249 -52.05 -4.15 7.86
CA LEU A 249 -51.97 -3.42 9.13
C LEU A 249 -52.52 -2.01 9.02
N THR A 250 -52.56 -1.46 7.82
CA THR A 250 -53.01 -0.08 7.65
C THR A 250 -54.39 0.01 6.99
N GLY A 251 -55.03 -1.13 6.77
CA GLY A 251 -56.32 -1.14 6.09
C GLY A 251 -56.22 -0.82 4.61
N CYS A 252 -55.20 -1.34 3.95
CA CYS A 252 -54.96 -1.04 2.54
C CYS A 252 -54.91 -2.27 1.63
N SER A 253 -55.36 -3.42 2.13
CA SER A 253 -55.43 -4.63 1.31
C SER A 253 -56.43 -4.51 0.15
N ARG A 254 -55.97 -4.84 -1.07
CA ARG A 254 -56.81 -4.82 -2.25
C ARG A 254 -56.54 -6.05 -3.11
N GLU A 255 -56.97 -6.01 -4.36
CA GLU A 255 -56.73 -7.12 -5.27
C GLU A 255 -55.61 -6.78 -6.25
N ASN A 256 -55.73 -5.66 -6.94
CA ASN A 256 -54.62 -5.13 -7.72
C ASN A 256 -53.60 -4.46 -6.79
N GLU A 257 -52.34 -4.41 -7.20
CA GLU A 257 -51.30 -3.76 -6.39
C GLU A 257 -51.33 -2.26 -6.56
N THR A 258 -51.73 -1.81 -7.74
CA THR A 258 -51.87 -0.39 -8.03
C THR A 258 -52.79 0.31 -7.03
N GLU A 259 -53.77 -0.41 -6.50
CA GLU A 259 -54.68 0.18 -5.53
C GLU A 259 -54.12 0.09 -4.10
N ILE A 260 -53.34 -0.94 -3.82
CA ILE A 260 -52.68 -1.01 -2.52
C ILE A 260 -51.73 0.18 -2.36
N ILE A 261 -50.97 0.46 -3.40
CA ILE A 261 -50.04 1.58 -3.38
C ILE A 261 -50.78 2.89 -3.31
N LYS A 262 -51.86 2.98 -4.09
CA LYS A 262 -52.70 4.16 -4.11
C LYS A 262 -53.30 4.36 -2.72
N CYS A 263 -53.66 3.27 -2.06
CA CYS A 263 -54.18 3.35 -0.70
C CYS A 263 -53.12 3.77 0.33
N LEU A 264 -51.94 3.14 0.27
CA LEU A 264 -50.83 3.48 1.18
C LEU A 264 -50.38 4.91 1.03
N ARG A 265 -50.57 5.47 -0.16
CA ARG A 265 -50.18 6.84 -0.41
C ARG A 265 -51.06 7.86 0.30
N ASN A 266 -52.22 7.44 0.80
CA ASN A 266 -53.14 8.36 1.46
C ASN A 266 -52.99 8.34 2.98
N LYS A 267 -52.24 7.37 3.48
CA LYS A 267 -52.00 7.26 4.91
C LYS A 267 -51.01 8.33 5.37
N ASP A 268 -51.24 8.86 6.57
CA ASP A 268 -50.28 9.78 7.20
C ASP A 268 -48.95 9.08 7.35
N PRO A 269 -47.86 9.82 7.16
CA PRO A 269 -46.52 9.25 7.31
C PRO A 269 -46.40 8.52 8.64
N GLN A 270 -47.06 9.04 9.68
CA GLN A 270 -46.97 8.42 10.99
C GLN A 270 -47.63 7.06 11.12
N GLU A 271 -48.69 6.77 10.37
CA GLU A 271 -49.32 5.47 10.54
C GLU A 271 -48.54 4.38 9.86
N ILE A 272 -47.76 4.75 8.85
CA ILE A 272 -46.92 3.79 8.17
C ILE A 272 -45.75 3.47 9.11
N LEU A 273 -45.22 4.51 9.73
CA LEU A 273 -44.13 4.33 10.68
C LEU A 273 -44.49 3.40 11.83
N LEU A 274 -45.69 3.56 12.40
CA LEU A 274 -46.06 2.78 13.58
C LEU A 274 -46.39 1.34 13.26
N ASN A 275 -46.44 1.00 11.98
CA ASN A 275 -46.76 -0.37 11.60
C ASN A 275 -45.56 -1.12 11.04
N GLU A 276 -44.44 -0.41 10.89
CA GLU A 276 -43.24 -1.01 10.31
C GLU A 276 -42.74 -2.20 11.13
N ALA A 277 -42.78 -2.08 12.46
CA ALA A 277 -42.24 -3.11 13.33
C ALA A 277 -42.98 -4.44 13.22
N PHE A 278 -44.23 -4.41 12.77
CA PHE A 278 -45.09 -5.59 12.82
C PHE A 278 -45.08 -6.45 11.56
N VAL A 279 -44.46 -5.97 10.48
CA VAL A 279 -44.47 -6.71 9.22
C VAL A 279 -43.59 -7.96 9.29
N VAL A 280 -42.75 -8.05 10.32
CA VAL A 280 -41.93 -9.23 10.56
C VAL A 280 -42.37 -9.86 11.90
N PRO A 281 -42.74 -11.15 11.85
CA PRO A 281 -43.34 -11.88 12.97
C PRO A 281 -42.48 -11.89 14.23
N TYR A 282 -41.20 -12.24 14.11
CA TYR A 282 -40.35 -12.36 15.29
C TYR A 282 -39.99 -10.97 15.79
N GLY A 283 -38.95 -10.39 15.20
CA GLY A 283 -38.54 -9.03 15.52
C GLY A 283 -37.56 -8.87 16.66
N THR A 284 -36.31 -8.60 16.27
CA THR A 284 -35.21 -8.37 17.19
C THR A 284 -34.76 -6.93 16.97
N PRO A 285 -33.86 -6.41 17.82
CA PRO A 285 -33.36 -5.06 17.56
C PRO A 285 -32.46 -5.01 16.33
N LEU A 286 -32.20 -6.15 15.70
CA LEU A 286 -31.38 -6.18 14.48
C LEU A 286 -32.23 -6.36 13.24
N SER A 287 -33.55 -6.28 13.39
CA SER A 287 -34.44 -6.49 12.27
C SER A 287 -34.43 -5.31 11.33
N VAL A 288 -34.28 -5.60 10.04
CA VAL A 288 -34.41 -4.59 9.00
C VAL A 288 -35.77 -4.79 8.39
N ASN A 289 -36.76 -4.07 8.92
CA ASN A 289 -38.14 -4.26 8.51
C ASN A 289 -38.30 -3.99 7.02
N PHE A 290 -37.77 -2.86 6.57
CA PHE A 290 -37.78 -2.55 5.16
C PHE A 290 -36.40 -2.11 4.74
N GLY A 291 -35.74 -2.96 3.96
CA GLY A 291 -34.41 -2.68 3.50
C GLY A 291 -34.23 -3.03 2.04
N PRO A 292 -32.97 -3.09 1.59
CA PRO A 292 -32.69 -3.45 0.20
C PRO A 292 -33.25 -4.82 -0.13
N THR A 293 -33.65 -4.97 -1.39
CA THR A 293 -34.14 -6.23 -1.88
C THR A 293 -33.64 -6.44 -3.32
N VAL A 294 -33.83 -7.64 -3.86
CA VAL A 294 -33.46 -7.88 -5.26
C VAL A 294 -34.57 -7.36 -6.18
N ASP A 295 -34.35 -6.18 -6.75
CA ASP A 295 -35.41 -5.48 -7.47
C ASP A 295 -35.38 -5.67 -8.97
N GLY A 296 -34.34 -6.33 -9.47
CA GLY A 296 -34.20 -6.53 -10.90
C GLY A 296 -33.77 -5.26 -11.61
N ASP A 297 -33.48 -4.22 -10.84
CA ASP A 297 -33.04 -2.95 -11.40
C ASP A 297 -31.69 -2.58 -10.79
N PHE A 298 -31.72 -2.12 -9.54
CA PHE A 298 -30.50 -1.80 -8.80
C PHE A 298 -29.70 -3.06 -8.50
N LEU A 299 -30.40 -4.14 -8.15
CA LEU A 299 -29.83 -5.47 -7.94
C LEU A 299 -30.45 -6.49 -8.86
N THR A 300 -29.74 -6.92 -9.89
CA THR A 300 -30.33 -7.84 -10.85
C THR A 300 -30.34 -9.28 -10.36
N ASP A 301 -29.61 -9.56 -9.29
CA ASP A 301 -29.58 -10.90 -8.71
C ASP A 301 -29.20 -10.85 -7.24
N MET A 302 -29.31 -11.96 -6.54
CA MET A 302 -28.89 -11.99 -5.14
C MET A 302 -27.42 -11.57 -5.07
N PRO A 303 -27.10 -10.65 -4.16
CA PRO A 303 -25.76 -10.06 -4.15
C PRO A 303 -24.65 -11.11 -4.10
N ASP A 304 -24.85 -12.17 -3.33
CA ASP A 304 -23.85 -13.25 -3.24
C ASP A 304 -23.51 -13.85 -4.59
N ILE A 305 -24.50 -13.98 -5.46
CA ILE A 305 -24.27 -14.55 -6.78
C ILE A 305 -23.32 -13.63 -7.54
N LEU A 306 -23.65 -12.35 -7.65
CA LEU A 306 -22.80 -11.37 -8.33
C LEU A 306 -21.37 -11.34 -7.76
N LEU A 307 -21.28 -11.42 -6.44
CA LEU A 307 -19.99 -11.42 -5.77
C LEU A 307 -19.19 -12.68 -6.10
N GLU A 308 -19.85 -13.81 -6.16
CA GLU A 308 -19.15 -15.07 -6.38
C GLU A 308 -18.72 -15.15 -7.84
N LEU A 309 -19.54 -14.58 -8.71
CA LEU A 309 -19.31 -14.58 -10.16
C LEU A 309 -18.36 -13.46 -10.61
N GLY A 310 -17.96 -12.59 -9.68
CA GLY A 310 -17.04 -11.51 -9.95
C GLY A 310 -17.62 -10.38 -10.79
N GLN A 311 -18.94 -10.25 -10.77
CA GLN A 311 -19.59 -9.19 -11.50
C GLN A 311 -19.78 -7.96 -10.62
N PHE A 312 -18.69 -7.25 -10.34
CA PHE A 312 -18.74 -6.03 -9.55
C PHE A 312 -17.71 -5.06 -10.06
N LYS A 313 -17.72 -3.84 -9.55
CA LYS A 313 -16.73 -2.83 -9.92
C LYS A 313 -15.37 -3.25 -9.41
N LYS A 314 -14.37 -3.26 -10.29
CA LYS A 314 -13.01 -3.63 -9.88
C LYS A 314 -12.21 -2.40 -9.47
N THR A 315 -11.96 -2.30 -8.17
CA THR A 315 -11.29 -1.14 -7.60
C THR A 315 -10.80 -1.45 -6.17
N GLN A 316 -10.15 -0.50 -5.51
CA GLN A 316 -9.60 -0.75 -4.18
C GLN A 316 -10.66 -0.61 -3.11
N ILE A 317 -10.59 -1.39 -2.03
CA ILE A 317 -11.54 -1.21 -0.91
C ILE A 317 -10.84 -1.15 0.45
N LEU A 318 -11.42 -0.39 1.38
CA LEU A 318 -10.96 -0.37 2.76
C LEU A 318 -12.12 -0.84 3.63
N VAL A 319 -11.89 -1.87 4.43
CA VAL A 319 -12.97 -2.54 5.18
C VAL A 319 -12.53 -2.74 6.61
N GLY A 320 -13.47 -2.74 7.55
CA GLY A 320 -13.09 -3.04 8.91
C GLY A 320 -14.26 -3.03 9.86
N VAL A 321 -13.98 -3.33 11.13
CA VAL A 321 -15.05 -3.53 12.12
C VAL A 321 -14.55 -3.12 13.48
N ASN A 322 -15.45 -3.07 14.45
CA ASN A 322 -15.06 -2.75 15.82
C ASN A 322 -14.99 -4.01 16.67
N LYS A 323 -14.44 -3.91 17.87
CA LYS A 323 -14.22 -5.07 18.72
C LYS A 323 -15.51 -5.58 19.39
N ASP A 324 -16.42 -4.69 19.77
CA ASP A 324 -17.62 -5.12 20.48
C ASP A 324 -18.91 -4.70 19.79
N GLU A 325 -19.05 -5.11 18.54
CA GLU A 325 -20.18 -4.75 17.70
C GLU A 325 -21.52 -5.17 18.27
N GLY A 326 -21.55 -6.26 19.04
CA GLY A 326 -22.80 -6.85 19.49
C GLY A 326 -23.45 -6.15 20.66
N THR A 327 -22.64 -5.50 21.47
CA THR A 327 -23.06 -5.04 22.78
C THR A 327 -24.24 -4.09 22.74
N ALA A 328 -24.25 -3.20 21.75
CA ALA A 328 -25.30 -2.19 21.61
C ALA A 328 -26.70 -2.79 21.52
N PHE A 329 -26.81 -3.97 20.92
CA PHE A 329 -28.10 -4.58 20.61
C PHE A 329 -28.64 -5.43 21.74
N LEU A 330 -27.77 -5.79 22.68
CA LEU A 330 -28.19 -6.64 23.79
C LEU A 330 -28.99 -5.86 24.83
N VAL A 331 -28.75 -4.55 24.94
CA VAL A 331 -29.42 -3.79 25.97
C VAL A 331 -30.80 -3.34 25.53
N TYR A 332 -31.14 -3.63 24.28
CA TYR A 332 -32.43 -3.25 23.73
C TYR A 332 -33.35 -4.45 23.57
N GLY A 333 -33.28 -5.41 24.49
CA GLY A 333 -34.13 -6.59 24.37
C GLY A 333 -33.66 -7.85 25.07
N ALA A 334 -32.38 -8.15 25.00
CA ALA A 334 -31.87 -9.34 25.70
C ALA A 334 -32.16 -9.21 27.18
N PRO A 335 -32.63 -10.30 27.79
CA PRO A 335 -33.02 -10.32 29.21
C PRO A 335 -31.83 -10.27 30.16
N GLY A 336 -31.95 -9.47 31.22
CA GLY A 336 -30.94 -9.38 32.25
C GLY A 336 -29.94 -8.28 31.96
N PHE A 337 -29.96 -7.79 30.73
CA PHE A 337 -29.06 -6.74 30.33
C PHE A 337 -29.62 -5.36 30.62
N SER A 338 -28.74 -4.45 31.02
CA SER A 338 -29.09 -3.05 31.20
C SER A 338 -27.85 -2.20 31.05
N LYS A 339 -28.03 -0.92 30.74
CA LYS A 339 -26.91 0.01 30.69
C LYS A 339 -26.58 0.48 32.10
N ASP A 340 -27.47 0.14 33.02
CA ASP A 340 -27.35 0.58 34.41
C ASP A 340 -26.76 -0.49 35.33
N ASN A 341 -26.49 -1.67 34.77
CA ASN A 341 -25.77 -2.70 35.51
C ASN A 341 -24.57 -3.15 34.73
N ASN A 342 -23.74 -3.95 35.38
CA ASN A 342 -22.58 -4.55 34.74
C ASN A 342 -23.07 -5.69 33.86
N SER A 343 -24.38 -5.94 33.95
CA SER A 343 -25.11 -6.86 33.08
C SER A 343 -24.48 -8.23 33.07
N ILE A 344 -24.10 -8.71 34.25
CA ILE A 344 -23.57 -10.05 34.34
C ILE A 344 -24.75 -11.01 34.30
N ILE A 345 -24.67 -12.00 33.43
CA ILE A 345 -25.78 -12.92 33.25
C ILE A 345 -25.38 -14.37 33.43
N THR A 346 -26.40 -15.22 33.55
CA THR A 346 -26.23 -16.64 33.80
C THR A 346 -26.38 -17.43 32.51
N ARG A 347 -25.97 -18.71 32.57
CA ARG A 347 -25.98 -19.61 31.40
C ARG A 347 -27.33 -19.68 30.70
N LYS A 348 -28.40 -19.63 31.47
CA LYS A 348 -29.71 -19.78 30.87
C LYS A 348 -30.24 -18.44 30.36
N GLU A 349 -29.84 -17.36 31.00
CA GLU A 349 -30.14 -16.03 30.46
C GLU A 349 -29.46 -15.92 29.09
N PHE A 350 -28.23 -16.43 29.02
CA PHE A 350 -27.51 -16.57 27.76
C PHE A 350 -28.33 -17.38 26.77
N GLN A 351 -28.97 -18.45 27.25
CA GLN A 351 -29.74 -19.32 26.37
C GLN A 351 -31.02 -18.67 25.86
N GLU A 352 -31.68 -17.90 26.71
CA GLU A 352 -32.89 -17.20 26.28
C GLU A 352 -32.51 -16.03 25.39
N GLY A 353 -31.34 -15.46 25.63
CA GLY A 353 -30.80 -14.45 24.75
C GLY A 353 -30.64 -15.01 23.36
N LEU A 354 -30.04 -16.19 23.25
CA LEU A 354 -29.83 -16.83 21.96
C LEU A 354 -31.13 -17.06 21.21
N LYS A 355 -32.20 -17.27 21.96
CA LYS A 355 -33.49 -17.58 21.37
C LYS A 355 -34.13 -16.30 20.84
N ILE A 356 -33.79 -15.17 21.47
CA ILE A 356 -34.22 -13.87 20.98
C ILE A 356 -33.59 -13.53 19.62
N PHE A 357 -32.30 -13.79 19.47
CA PHE A 357 -31.60 -13.40 18.24
C PHE A 357 -31.58 -14.48 17.16
N PHE A 358 -32.03 -15.68 17.47
CA PHE A 358 -32.10 -16.72 16.45
C PHE A 358 -33.44 -17.44 16.50
N PRO A 359 -34.52 -16.76 16.08
CA PRO A 359 -35.87 -17.30 16.23
C PRO A 359 -36.15 -18.56 15.40
N GLY A 360 -35.59 -18.62 14.20
CA GLY A 360 -35.89 -19.71 13.29
C GLY A 360 -34.96 -20.91 13.36
N VAL A 361 -33.98 -20.85 14.26
CA VAL A 361 -32.95 -21.90 14.36
C VAL A 361 -33.37 -23.02 15.32
N SER A 362 -33.08 -24.26 14.94
CA SER A 362 -33.40 -25.44 15.75
C SER A 362 -32.82 -25.37 17.16
N GLU A 363 -33.29 -26.23 18.07
CA GLU A 363 -32.79 -26.18 19.44
C GLU A 363 -31.37 -26.75 19.44
N PHE A 364 -31.08 -27.54 18.42
N PHE A 364 -31.05 -27.52 18.43
CA PHE A 364 -29.76 -28.11 18.18
CA PHE A 364 -29.70 -28.05 18.37
C PHE A 364 -28.72 -27.06 17.88
C PHE A 364 -28.73 -26.94 17.99
N GLY A 365 -29.10 -26.11 17.02
CA GLY A 365 -28.24 -25.02 16.63
C GLY A 365 -27.97 -24.08 17.77
N LYS A 366 -28.96 -23.88 18.63
CA LYS A 366 -28.78 -22.95 19.74
C LYS A 366 -27.89 -23.59 20.81
N GLU A 367 -27.62 -24.88 20.68
CA GLU A 367 -26.68 -25.50 21.60
C GLU A 367 -25.29 -25.54 20.95
N SER A 368 -25.25 -25.73 19.63
CA SER A 368 -24.01 -25.65 18.88
C SER A 368 -23.30 -24.33 19.06
N ILE A 369 -24.04 -23.22 18.94
CA ILE A 369 -23.49 -21.89 19.16
C ILE A 369 -22.90 -21.82 20.56
N LEU A 370 -23.71 -22.21 21.53
CA LEU A 370 -23.31 -22.21 22.92
C LEU A 370 -22.03 -23.01 23.11
N PHE A 371 -21.94 -24.16 22.45
CA PHE A 371 -20.75 -24.98 22.58
C PHE A 371 -19.53 -24.22 22.07
N HIS A 372 -19.62 -23.71 20.84
CA HIS A 372 -18.48 -23.08 20.20
C HIS A 372 -18.00 -21.85 20.95
N TYR A 373 -18.82 -21.36 21.88
CA TYR A 373 -18.56 -20.08 22.54
C TYR A 373 -18.44 -20.19 24.06
N THR A 374 -18.12 -21.36 24.59
CA THR A 374 -18.02 -21.52 26.03
C THR A 374 -16.75 -22.25 26.48
N ASP A 375 -15.80 -22.41 25.56
CA ASP A 375 -14.51 -22.95 25.91
C ASP A 375 -13.75 -21.89 26.72
N TRP A 376 -14.22 -21.66 27.95
CA TRP A 376 -13.69 -20.62 28.83
C TRP A 376 -12.19 -20.77 29.07
N VAL A 377 -11.51 -19.63 29.21
CA VAL A 377 -10.15 -19.64 29.72
C VAL A 377 -10.20 -19.68 31.24
N ASP A 378 -11.00 -18.80 31.82
CA ASP A 378 -11.22 -18.81 33.25
C ASP A 378 -12.69 -19.08 33.45
N ASP A 379 -13.04 -20.08 34.26
CA ASP A 379 -14.44 -20.44 34.42
C ASP A 379 -15.19 -19.33 35.14
N GLN A 380 -14.51 -18.65 36.07
CA GLN A 380 -15.13 -17.58 36.85
C GLN A 380 -14.08 -16.55 37.29
N ARG A 381 -14.05 -15.30 36.77
CA ARG A 381 -14.77 -14.77 35.58
C ARG A 381 -16.29 -14.91 35.50
N PRO A 382 -17.03 -14.06 36.21
CA PRO A 382 -18.49 -14.16 36.07
C PRO A 382 -19.01 -13.46 34.81
N GLU A 383 -18.15 -12.67 34.19
CA GLU A 383 -18.52 -11.94 32.99
C GLU A 383 -18.54 -12.80 31.74
N ASN A 384 -18.22 -14.08 31.90
CA ASN A 384 -18.03 -14.97 30.76
C ASN A 384 -19.21 -15.02 29.80
N TYR A 385 -20.40 -15.27 30.33
CA TYR A 385 -21.59 -15.42 29.48
C TYR A 385 -22.00 -14.09 28.84
N ARG A 386 -21.99 -13.02 29.62
CA ARG A 386 -22.28 -11.68 29.10
C ARG A 386 -21.39 -11.34 27.90
N GLU A 387 -20.10 -11.67 28.00
CA GLU A 387 -19.17 -11.42 26.91
C GLU A 387 -19.33 -12.46 25.82
N ALA A 388 -19.85 -13.62 26.17
CA ALA A 388 -20.03 -14.65 25.17
C ALA A 388 -21.14 -14.23 24.22
N LEU A 389 -22.26 -13.76 24.77
CA LEU A 389 -23.41 -13.36 23.96
C LEU A 389 -23.08 -12.15 23.08
N GLY A 390 -22.38 -11.18 23.65
CA GLY A 390 -21.94 -10.03 22.87
C GLY A 390 -21.21 -10.50 21.64
N ASP A 391 -20.21 -11.34 21.83
CA ASP A 391 -19.37 -11.83 20.74
C ASP A 391 -20.14 -12.68 19.72
N VAL A 392 -21.20 -13.34 20.17
CA VAL A 392 -22.01 -14.15 19.25
C VAL A 392 -22.72 -13.24 18.24
N VAL A 393 -23.49 -12.29 18.77
CA VAL A 393 -24.21 -11.32 17.95
C VAL A 393 -23.22 -10.58 17.06
N GLY A 394 -22.16 -10.06 17.66
CA GLY A 394 -21.15 -9.35 16.91
C GLY A 394 -20.50 -10.13 15.77
N ASP A 395 -20.08 -11.37 16.01
CA ASP A 395 -19.36 -12.15 15.00
C ASP A 395 -20.28 -12.58 13.85
N TYR A 396 -21.49 -12.97 14.20
CA TYR A 396 -22.46 -13.41 13.22
C TYR A 396 -22.94 -12.23 12.37
N ASN A 397 -23.24 -11.11 13.00
CA ASN A 397 -23.84 -9.97 12.27
C ASN A 397 -22.90 -9.01 11.56
N PHE A 398 -21.67 -8.86 12.05
CA PHE A 398 -20.75 -7.87 11.48
C PHE A 398 -19.36 -8.38 11.08
N ILE A 399 -18.63 -9.00 11.99
CA ILE A 399 -17.22 -9.34 11.74
C ILE A 399 -17.01 -10.40 10.67
N CYS A 400 -17.66 -11.54 10.83
CA CYS A 400 -17.53 -12.61 9.87
C CYS A 400 -18.03 -12.26 8.48
N PRO A 401 -19.23 -11.63 8.36
CA PRO A 401 -19.64 -11.28 6.98
C PRO A 401 -18.67 -10.30 6.33
N ALA A 402 -18.05 -9.44 7.14
CA ALA A 402 -17.13 -8.45 6.61
C ALA A 402 -15.84 -9.11 6.10
N LEU A 403 -15.24 -9.97 6.94
CA LEU A 403 -14.04 -10.73 6.58
C LEU A 403 -14.33 -11.58 5.34
N GLU A 404 -15.52 -12.20 5.34
CA GLU A 404 -15.98 -13.00 4.21
C GLU A 404 -16.07 -12.21 2.92
N PHE A 405 -16.58 -10.99 3.02
CA PHE A 405 -16.72 -10.11 1.87
C PHE A 405 -15.37 -9.68 1.33
N THR A 406 -14.48 -9.35 2.26
CA THR A 406 -13.14 -8.91 1.93
C THR A 406 -12.34 -10.04 1.30
N LYS A 407 -12.48 -11.24 1.83
CA LYS A 407 -11.88 -12.42 1.19
C LYS A 407 -12.38 -12.53 -0.25
N LYS A 408 -13.69 -12.58 -0.43
CA LYS A 408 -14.22 -12.88 -1.76
C LYS A 408 -13.95 -11.76 -2.74
N PHE A 409 -13.87 -10.55 -2.24
CA PHE A 409 -13.62 -9.41 -3.10
C PHE A 409 -12.17 -9.36 -3.54
N SER A 410 -11.26 -9.72 -2.64
CA SER A 410 -9.83 -9.62 -2.90
C SER A 410 -9.39 -10.63 -3.96
N GLU A 411 -10.10 -11.75 -4.00
CA GLU A 411 -9.84 -12.84 -4.92
C GLU A 411 -9.96 -12.48 -6.40
N TRP A 412 -10.45 -11.30 -6.71
CA TRP A 412 -10.58 -10.94 -8.12
C TRP A 412 -9.52 -9.90 -8.53
N GLY A 413 -8.51 -9.76 -7.68
CA GLY A 413 -7.31 -8.99 -7.99
C GLY A 413 -7.19 -7.50 -7.67
N ASN A 414 -8.04 -7.00 -6.77
CA ASN A 414 -7.92 -5.63 -6.30
C ASN A 414 -7.47 -5.52 -4.84
N ASN A 415 -6.75 -4.46 -4.53
CA ASN A 415 -6.21 -4.29 -3.19
C ASN A 415 -7.29 -3.96 -2.16
N ALA A 416 -7.37 -4.81 -1.15
CA ALA A 416 -8.28 -4.61 -0.04
C ALA A 416 -7.46 -4.45 1.22
N PHE A 417 -7.94 -3.62 2.14
CA PHE A 417 -7.25 -3.43 3.40
C PHE A 417 -8.24 -3.63 4.53
N PHE A 418 -7.82 -4.33 5.56
CA PHE A 418 -8.73 -4.61 6.65
C PHE A 418 -8.20 -4.04 7.93
N TYR A 419 -9.10 -3.47 8.72
CA TYR A 419 -8.70 -2.87 9.98
C TYR A 419 -9.56 -3.43 11.08
N TYR A 420 -9.07 -3.31 12.31
CA TYR A 420 -9.78 -3.81 13.48
C TYR A 420 -9.70 -2.76 14.60
N PHE A 421 -10.80 -2.07 14.84
CA PHE A 421 -10.79 -0.92 15.74
C PHE A 421 -11.06 -1.28 17.20
N GLU A 422 -10.04 -1.10 18.05
CA GLU A 422 -10.04 -1.58 19.44
C GLU A 422 -10.09 -0.55 20.57
N HIS A 423 -10.16 0.75 20.26
CA HIS A 423 -10.16 1.75 21.33
C HIS A 423 -11.55 2.16 21.77
N ARG A 424 -11.80 2.13 23.08
CA ARG A 424 -13.03 2.67 23.62
C ARG A 424 -12.85 4.16 23.91
N SER A 425 -13.80 4.98 23.48
CA SER A 425 -13.71 6.41 23.68
C SER A 425 -13.80 6.80 25.15
N SER A 426 -12.94 7.74 25.52
CA SER A 426 -12.91 8.28 26.88
C SER A 426 -14.21 9.00 27.21
N LYS A 427 -15.00 9.33 26.19
CA LYS A 427 -16.27 10.00 26.41
C LYS A 427 -17.51 9.12 26.16
N LEU A 428 -17.33 7.82 25.96
CA LEU A 428 -18.46 6.94 25.66
C LEU A 428 -19.52 6.91 26.77
N PRO A 429 -20.74 7.35 26.45
CA PRO A 429 -21.83 7.51 27.43
C PRO A 429 -22.36 6.20 27.98
N TRP A 430 -22.04 5.09 27.31
CA TRP A 430 -22.48 3.75 27.73
C TRP A 430 -21.57 3.14 28.79
N PRO A 431 -22.06 2.13 29.53
CA PRO A 431 -21.23 1.46 30.55
C PRO A 431 -19.99 0.78 29.95
N GLU A 432 -19.03 0.44 30.81
CA GLU A 432 -17.73 -0.06 30.34
C GLU A 432 -17.82 -1.48 29.81
N TRP A 433 -18.87 -2.19 30.19
CA TRP A 433 -19.00 -3.58 29.81
C TRP A 433 -19.43 -3.73 28.35
N MET A 434 -19.95 -2.64 27.77
CA MET A 434 -20.38 -2.66 26.38
C MET A 434 -19.19 -2.48 25.43
N GLY A 435 -18.04 -2.13 26.00
CA GLY A 435 -16.80 -2.11 25.26
C GLY A 435 -16.71 -1.14 24.10
N VAL A 436 -16.12 -1.61 23.00
CA VAL A 436 -15.94 -0.78 21.81
C VAL A 436 -17.15 -0.92 20.90
N MET A 437 -18.16 -0.12 21.17
CA MET A 437 -19.47 -0.33 20.58
C MET A 437 -19.56 -0.09 19.09
N HIS A 438 -20.57 -0.72 18.51
CA HIS A 438 -21.07 -0.40 17.18
C HIS A 438 -21.19 1.11 17.01
N GLY A 439 -20.55 1.63 15.97
CA GLY A 439 -20.72 3.02 15.60
C GLY A 439 -19.79 4.04 16.24
N TYR A 440 -18.99 3.65 17.21
CA TYR A 440 -18.23 4.66 17.92
C TYR A 440 -16.80 4.74 17.41
N GLU A 441 -16.61 4.42 16.13
CA GLU A 441 -15.36 4.76 15.47
C GLU A 441 -15.59 5.96 14.55
N ILE A 442 -16.86 6.27 14.33
CA ILE A 442 -17.25 7.29 13.37
C ILE A 442 -16.68 8.64 13.78
N GLU A 443 -16.81 8.98 15.06
CA GLU A 443 -16.27 10.26 15.54
C GLU A 443 -14.77 10.36 15.37
N PHE A 444 -14.07 9.21 15.38
CA PHE A 444 -12.61 9.22 15.17
C PHE A 444 -12.26 9.36 13.71
N VAL A 445 -13.15 8.87 12.85
CA VAL A 445 -12.95 8.95 11.41
C VAL A 445 -13.24 10.36 10.93
N PHE A 446 -14.14 11.07 11.62
CA PHE A 446 -14.49 12.42 11.21
C PHE A 446 -13.64 13.48 11.89
N GLY A 447 -12.67 13.05 12.67
CA GLY A 447 -11.67 13.95 13.23
C GLY A 447 -12.13 14.77 14.42
N LEU A 448 -13.20 14.36 15.07
CA LEU A 448 -13.71 15.06 16.26
C LEU A 448 -12.71 15.22 17.40
N PRO A 449 -11.86 14.22 17.66
CA PRO A 449 -10.95 14.46 18.78
C PRO A 449 -9.85 15.48 18.46
N LEU A 450 -9.77 15.92 17.21
CA LEU A 450 -8.81 16.95 16.85
C LEU A 450 -9.17 18.30 17.46
N GLU A 451 -10.44 18.47 17.82
CA GLU A 451 -10.87 19.66 18.54
C GLU A 451 -10.44 19.56 19.98
N ARG A 452 -9.41 20.33 20.35
CA ARG A 452 -8.82 20.21 21.67
C ARG A 452 -9.73 20.75 22.77
N ARG A 453 -10.72 21.54 22.38
CA ARG A 453 -11.65 22.12 23.32
C ARG A 453 -12.75 21.14 23.73
N ASP A 454 -12.56 19.86 23.40
CA ASP A 454 -13.67 18.91 23.49
C ASP A 454 -13.42 17.73 24.45
N ASN A 455 -12.41 17.85 25.31
CA ASN A 455 -12.17 16.89 26.39
C ASN A 455 -11.77 15.46 25.99
N TYR A 456 -11.27 15.27 24.77
CA TYR A 456 -10.73 13.97 24.41
C TYR A 456 -9.30 13.90 24.91
N THR A 457 -8.77 12.69 25.09
CA THR A 457 -7.39 12.55 25.54
C THR A 457 -6.44 12.92 24.41
N LYS A 458 -5.19 13.21 24.75
CA LYS A 458 -4.19 13.47 23.73
C LYS A 458 -3.97 12.26 22.84
N ALA A 459 -3.95 11.08 23.46
CA ALA A 459 -3.73 9.84 22.71
C ALA A 459 -4.81 9.73 21.64
N GLU A 460 -6.02 10.14 22.01
CA GLU A 460 -7.17 10.08 21.12
C GLU A 460 -7.06 11.07 19.97
N GLU A 461 -6.44 12.22 20.19
CA GLU A 461 -6.26 13.14 19.08
C GLU A 461 -5.21 12.54 18.13
N ILE A 462 -4.18 11.95 18.69
CA ILE A 462 -3.12 11.31 17.91
C ILE A 462 -3.72 10.22 17.04
N LEU A 463 -4.58 9.41 17.65
CA LEU A 463 -5.23 8.31 16.97
C LEU A 463 -6.16 8.81 15.88
N SER A 464 -6.99 9.79 16.20
CA SER A 464 -7.93 10.34 15.24
C SER A 464 -7.22 10.92 14.04
N ARG A 465 -6.19 11.71 14.32
CA ARG A 465 -5.41 12.35 13.27
C ARG A 465 -4.80 11.28 12.37
N SER A 466 -4.48 10.14 12.96
CA SER A 466 -3.88 9.03 12.21
C SER A 466 -4.90 8.41 11.26
N ILE A 467 -6.05 8.04 11.80
CA ILE A 467 -7.13 7.44 11.02
C ILE A 467 -7.58 8.36 9.90
N VAL A 468 -7.80 9.63 10.24
CA VAL A 468 -8.20 10.64 9.27
C VAL A 468 -7.19 10.73 8.12
N LYS A 469 -5.91 10.69 8.48
CA LYS A 469 -4.86 10.69 7.49
C LYS A 469 -4.96 9.45 6.60
N ARG A 470 -5.11 8.27 7.20
CA ARG A 470 -5.17 7.05 6.41
C ARG A 470 -6.40 7.02 5.51
N TRP A 471 -7.55 7.41 6.06
CA TRP A 471 -8.79 7.42 5.28
C TRP A 471 -8.68 8.34 4.07
N ALA A 472 -8.17 9.54 4.30
CA ALA A 472 -8.03 10.52 3.23
C ALA A 472 -6.97 10.09 2.20
N ASN A 473 -5.92 9.44 2.67
CA ASN A 473 -4.89 8.96 1.77
C ASN A 473 -5.40 7.81 0.90
N PHE A 474 -6.20 6.93 1.50
CA PHE A 474 -6.84 5.86 0.73
C PHE A 474 -7.66 6.47 -0.39
N ALA A 475 -8.45 7.47 -0.08
CA ALA A 475 -9.30 8.11 -1.07
C ALA A 475 -8.47 8.67 -2.22
N LYS A 476 -7.39 9.38 -1.90
CA LYS A 476 -6.54 10.03 -2.90
C LYS A 476 -5.68 9.05 -3.70
N TYR A 477 -5.01 8.13 -3.02
CA TYR A 477 -3.98 7.31 -3.65
C TYR A 477 -4.33 5.82 -3.78
N GLY A 478 -5.38 5.38 -3.11
CA GLY A 478 -5.79 3.99 -3.18
C GLY A 478 -5.01 3.15 -2.19
N ASN A 479 -4.25 3.84 -1.35
CA ASN A 479 -3.39 3.20 -0.35
C ASN A 479 -3.43 3.97 0.97
N PRO A 480 -3.86 3.31 2.06
CA PRO A 480 -4.07 3.98 3.35
C PRO A 480 -2.78 4.26 4.12
N ASN A 481 -1.74 4.74 3.45
CA ASN A 481 -0.50 5.05 4.14
C ASN A 481 -0.65 6.31 4.99
N GLU A 482 0.21 6.45 6.00
CA GLU A 482 0.22 7.62 6.88
C GLU A 482 1.32 8.55 6.42
N THR A 483 2.55 8.11 6.65
CA THR A 483 3.74 8.74 6.09
C THR A 483 4.63 7.58 5.67
N GLN A 484 5.56 7.85 4.75
CA GLN A 484 6.46 6.81 4.28
C GLN A 484 7.37 6.30 5.40
N ASN A 485 7.80 7.23 6.26
CA ASN A 485 8.65 6.88 7.39
C ASN A 485 7.94 7.06 8.73
N ASN A 486 8.52 6.46 9.78
CA ASN A 486 7.94 6.43 11.12
C ASN A 486 6.44 6.14 11.14
N SER A 487 6.06 5.06 10.44
CA SER A 487 4.66 4.64 10.39
C SER A 487 4.54 3.15 10.09
N THR A 488 3.56 2.50 10.72
CA THR A 488 3.35 1.07 10.53
C THR A 488 2.83 0.77 9.14
N SER A 489 3.51 -0.11 8.43
CA SER A 489 3.06 -0.46 7.11
C SER A 489 1.76 -1.23 7.21
N TRP A 490 0.73 -0.75 6.52
CA TRP A 490 -0.56 -1.43 6.43
C TRP A 490 -0.57 -2.24 5.14
N PRO A 491 -0.48 -3.58 5.26
CA PRO A 491 -0.40 -4.50 4.13
C PRO A 491 -1.78 -4.86 3.56
N VAL A 492 -1.85 -5.27 2.29
CA VAL A 492 -3.12 -5.73 1.73
C VAL A 492 -3.61 -7.00 2.39
N PHE A 493 -4.92 -7.13 2.45
CA PHE A 493 -5.59 -8.37 2.86
C PHE A 493 -5.62 -9.35 1.71
N LYS A 494 -4.97 -10.49 1.91
CA LYS A 494 -4.99 -11.57 0.94
C LYS A 494 -5.61 -12.84 1.55
N SER A 495 -6.25 -13.65 0.72
CA SER A 495 -6.99 -14.82 1.21
C SER A 495 -6.08 -15.82 1.93
N THR A 496 -4.82 -15.85 1.54
CA THR A 496 -3.85 -16.76 2.14
C THR A 496 -3.53 -16.34 3.57
N GLU A 497 -2.84 -15.20 3.73
CA GLU A 497 -2.40 -14.78 5.05
C GLU A 497 -3.46 -13.99 5.82
N GLN A 498 -4.32 -13.29 5.09
CA GLN A 498 -5.42 -12.54 5.70
C GLN A 498 -4.93 -11.52 6.72
N LYS A 499 -4.05 -10.63 6.27
CA LYS A 499 -3.46 -9.66 7.18
C LYS A 499 -4.36 -8.44 7.38
N TYR A 500 -4.41 -7.96 8.61
CA TYR A 500 -5.20 -6.80 8.97
C TYR A 500 -4.42 -5.88 9.95
N LEU A 501 -4.91 -4.65 10.15
CA LEU A 501 -4.25 -3.72 11.06
C LEU A 501 -5.12 -3.38 12.27
N THR A 502 -4.56 -3.38 13.47
CA THR A 502 -5.37 -2.98 14.64
C THR A 502 -5.25 -1.47 14.86
N LEU A 503 -6.33 -0.87 15.36
CA LEU A 503 -6.34 0.57 15.58
C LEU A 503 -6.62 0.91 17.05
N ASN A 504 -5.61 1.43 17.72
CA ASN A 504 -5.70 1.86 19.12
C ASN A 504 -4.63 2.85 19.51
N THR A 505 -4.75 3.34 20.75
CA THR A 505 -3.83 4.32 21.33
C THR A 505 -2.49 3.69 21.71
N GLU A 506 -2.53 2.45 22.18
CA GLU A 506 -1.30 1.77 22.62
C GLU A 506 -0.38 1.47 21.44
N SER A 507 -0.70 0.41 20.71
CA SER A 507 0.17 -0.09 19.65
C SER A 507 -0.59 -0.63 18.45
N THR A 508 -0.50 0.04 17.30
CA THR A 508 -1.11 -0.46 16.08
C THR A 508 -0.27 -1.54 15.38
N ARG A 509 -0.67 -2.80 15.49
CA ARG A 509 0.15 -3.88 14.96
C ARG A 509 -0.45 -4.58 13.74
N ILE A 510 0.38 -5.31 13.01
CA ILE A 510 -0.07 -6.11 11.89
C ILE A 510 -0.39 -7.51 12.40
N MET A 511 -1.54 -8.03 12.00
CA MET A 511 -1.95 -9.35 12.46
C MET A 511 -2.62 -10.16 11.37
N THR A 512 -2.97 -11.39 11.70
CA THR A 512 -3.44 -12.32 10.69
C THR A 512 -4.67 -13.04 11.16
N LYS A 513 -5.52 -13.40 10.20
CA LYS A 513 -6.63 -14.33 10.42
C LYS A 513 -7.46 -13.92 11.62
N LEU A 514 -8.12 -12.78 11.49
CA LEU A 514 -8.93 -12.23 12.57
C LEU A 514 -9.96 -13.24 12.98
N ARG A 515 -10.00 -13.56 14.27
CA ARG A 515 -10.98 -14.49 14.85
C ARG A 515 -11.35 -15.66 13.94
N ALA A 516 -10.35 -16.27 13.32
CA ALA A 516 -10.60 -17.29 12.30
C ALA A 516 -11.34 -18.48 12.88
N GLN A 517 -11.11 -18.76 14.16
CA GLN A 517 -11.77 -19.89 14.79
C GLN A 517 -13.27 -19.61 14.90
N GLN A 518 -13.63 -18.41 15.32
CA GLN A 518 -15.05 -18.06 15.42
C GLN A 518 -15.73 -18.00 14.06
N CYS A 519 -15.08 -17.39 13.08
CA CYS A 519 -15.72 -17.25 11.78
C CYS A 519 -15.86 -18.57 11.06
N ARG A 520 -15.07 -19.54 11.50
CA ARG A 520 -15.13 -20.88 10.91
C ARG A 520 -16.50 -21.50 11.18
N PHE A 521 -16.97 -21.36 12.41
CA PHE A 521 -18.25 -21.89 12.81
C PHE A 521 -19.38 -21.30 11.97
N TRP A 522 -19.42 -19.97 11.89
CA TRP A 522 -20.47 -19.28 11.16
C TRP A 522 -20.41 -19.53 9.67
N THR A 523 -19.21 -19.61 9.09
CA THR A 523 -19.15 -19.76 7.64
C THR A 523 -19.31 -21.22 7.20
N SER A 524 -18.86 -22.18 8.01
CA SER A 524 -18.85 -23.57 7.55
C SER A 524 -19.64 -24.58 8.40
N PHE A 525 -20.39 -24.09 9.38
CA PHE A 525 -21.25 -25.00 10.11
C PHE A 525 -22.65 -24.44 10.26
N PHE A 526 -22.77 -23.18 10.64
CA PHE A 526 -24.09 -22.59 10.83
C PHE A 526 -25.02 -22.68 9.61
N PRO A 527 -24.50 -22.57 8.38
CA PRO A 527 -25.40 -22.81 7.24
C PRO A 527 -25.92 -24.24 7.13
N LYS A 528 -25.40 -25.16 7.93
CA LYS A 528 -25.79 -26.57 7.86
C LYS A 528 -26.70 -26.96 9.01
N VAL A 529 -27.19 -25.97 9.74
CA VAL A 529 -28.13 -26.24 10.83
C VAL A 529 -29.55 -25.90 10.35
N LEU A 530 -30.55 -26.43 11.05
N ILE B 4 23.16 30.22 -14.93
CA ILE B 4 23.87 28.99 -15.25
C ILE B 4 23.02 28.12 -16.17
N ILE B 5 23.38 28.06 -17.45
CA ILE B 5 22.55 27.35 -18.43
C ILE B 5 23.37 26.62 -19.49
N ILE B 6 23.06 25.34 -19.71
CA ILE B 6 23.74 24.52 -20.71
C ILE B 6 22.79 24.04 -21.81
N ALA B 7 23.29 24.08 -23.04
CA ALA B 7 22.53 23.66 -24.21
C ALA B 7 22.70 22.18 -24.52
N THR B 8 21.64 21.40 -24.28
CA THR B 8 21.61 20.00 -24.67
C THR B 8 20.94 19.86 -26.04
N LYS B 9 21.07 18.68 -26.66
CA LYS B 9 20.56 18.47 -28.01
C LYS B 9 19.03 18.36 -28.11
N ASN B 10 18.36 18.30 -26.97
CA ASN B 10 16.90 18.28 -26.94
C ASN B 10 16.30 19.52 -26.26
N GLY B 11 17.15 20.52 -26.03
CA GLY B 11 16.72 21.74 -25.36
C GLY B 11 17.64 22.16 -24.24
N LYS B 12 17.34 23.30 -23.63
CA LYS B 12 18.22 23.86 -22.62
C LYS B 12 17.80 23.48 -21.21
N VAL B 13 18.78 23.47 -20.30
CA VAL B 13 18.54 23.07 -18.91
C VAL B 13 19.29 24.03 -17.99
N ARG B 14 18.68 24.36 -16.86
CA ARG B 14 19.28 25.31 -15.91
C ARG B 14 19.76 24.59 -14.65
N GLY B 15 20.96 24.90 -14.20
CA GLY B 15 21.51 24.22 -13.05
C GLY B 15 21.56 25.06 -11.79
N MET B 16 22.43 24.68 -10.88
CA MET B 16 22.58 25.39 -9.63
C MET B 16 24.01 25.30 -9.14
N ASN B 17 24.40 26.25 -8.29
CA ASN B 17 25.71 26.26 -7.68
C ASN B 17 25.65 25.67 -6.29
N LEU B 18 26.55 24.74 -6.00
CA LEU B 18 26.64 24.16 -4.67
C LEU B 18 27.94 24.57 -3.98
N THR B 19 27.89 24.75 -2.66
CA THR B 19 29.09 25.10 -1.90
C THR B 19 29.72 23.84 -1.33
N VAL B 20 30.92 23.49 -1.79
CA VAL B 20 31.55 22.26 -1.37
C VAL B 20 33.02 22.46 -1.00
N PHE B 21 33.28 22.41 0.30
CA PHE B 21 34.63 22.57 0.85
C PHE B 21 35.30 23.83 0.31
N GLY B 22 34.69 24.98 0.59
CA GLY B 22 35.25 26.25 0.18
C GLY B 22 35.23 26.54 -1.31
N GLY B 23 34.74 25.58 -2.11
CA GLY B 23 34.69 25.74 -3.55
C GLY B 23 33.27 25.63 -4.08
N THR B 24 33.14 25.46 -5.38
CA THR B 24 31.84 25.42 -6.02
C THR B 24 31.70 24.21 -6.92
N VAL B 25 30.53 23.58 -6.88
CA VAL B 25 30.20 22.50 -7.80
C VAL B 25 28.90 22.84 -8.54
N THR B 26 28.97 22.79 -9.88
CA THR B 26 27.81 23.04 -10.72
C THR B 26 26.98 21.77 -10.88
N ALA B 27 25.75 21.77 -10.36
CA ALA B 27 24.94 20.56 -10.34
C ALA B 27 23.65 20.68 -11.13
N PHE B 28 23.38 19.67 -11.95
CA PHE B 28 22.11 19.57 -12.67
C PHE B 28 21.30 18.36 -12.21
N LEU B 29 20.24 18.61 -11.44
CA LEU B 29 19.41 17.55 -10.89
C LEU B 29 18.08 17.37 -11.64
N GLY B 30 17.89 16.19 -12.24
CA GLY B 30 16.60 15.88 -12.83
C GLY B 30 16.42 16.18 -14.31
N ILE B 31 17.48 16.07 -15.08
CA ILE B 31 17.38 16.15 -16.54
C ILE B 31 16.63 14.92 -17.07
N PRO B 32 15.50 15.13 -17.78
CA PRO B 32 14.84 13.96 -18.38
C PRO B 32 15.60 13.40 -19.58
N TYR B 33 15.69 12.08 -19.69
CA TYR B 33 16.45 11.46 -20.78
C TYR B 33 15.59 10.52 -21.64
N ALA B 34 14.31 10.38 -21.29
CA ALA B 34 13.37 9.57 -22.08
C ALA B 34 11.93 9.99 -21.82
N GLN B 35 11.04 9.57 -22.72
CA GLN B 35 9.62 9.76 -22.53
C GLN B 35 9.15 9.06 -21.26
N PRO B 36 8.34 9.73 -20.42
CA PRO B 36 7.77 9.05 -19.27
C PRO B 36 7.02 7.77 -19.68
N PRO B 37 7.42 6.61 -19.13
CA PRO B 37 6.81 5.33 -19.53
C PRO B 37 5.39 5.11 -19.00
N LEU B 38 4.47 6.02 -19.32
CA LEU B 38 3.11 6.02 -18.76
C LEU B 38 2.07 5.36 -19.66
N GLY B 39 1.01 4.83 -19.05
CA GLY B 39 -0.10 4.31 -19.82
C GLY B 39 0.28 3.15 -20.73
N ARG B 40 0.21 3.36 -22.04
CA ARG B 40 0.49 2.29 -22.99
C ARG B 40 1.98 2.03 -23.16
N LEU B 41 2.80 2.92 -22.61
CA LEU B 41 4.25 2.77 -22.65
C LEU B 41 4.78 1.98 -21.46
N ARG B 42 3.90 1.66 -20.53
CA ARG B 42 4.24 0.79 -19.41
C ARG B 42 4.71 -0.57 -19.92
N PHE B 43 5.80 -1.07 -19.33
CA PHE B 43 6.42 -2.37 -19.66
C PHE B 43 7.16 -2.36 -20.97
N LYS B 44 7.25 -1.21 -21.64
CA LYS B 44 7.98 -1.18 -22.91
C LYS B 44 9.36 -0.56 -22.75
N LYS B 45 10.25 -0.84 -23.71
CA LYS B 45 11.57 -0.23 -23.72
C LYS B 45 11.42 1.29 -23.79
N PRO B 46 12.38 2.01 -23.22
CA PRO B 46 12.25 3.47 -23.18
C PRO B 46 12.24 4.08 -24.58
N GLN B 47 11.38 5.06 -24.81
CA GLN B 47 11.32 5.73 -26.11
C GLN B 47 12.09 7.05 -26.07
N SER B 48 12.73 7.39 -27.18
CA SER B 48 13.56 8.59 -27.22
C SER B 48 12.74 9.87 -27.08
N LEU B 49 13.39 10.92 -26.61
CA LEU B 49 12.73 12.19 -26.35
C LEU B 49 12.79 13.17 -27.53
N THR B 50 11.77 14.02 -27.63
CA THR B 50 11.77 15.10 -28.61
C THR B 50 12.29 16.38 -27.94
N LYS B 51 12.69 17.36 -28.76
CA LYS B 51 13.21 18.63 -28.25
C LYS B 51 12.15 19.44 -27.51
N TRP B 52 12.57 20.25 -26.54
CA TRP B 52 11.65 21.20 -25.91
C TRP B 52 12.17 22.63 -26.15
N SER B 53 11.26 23.54 -26.49
CA SER B 53 11.60 24.90 -26.87
C SER B 53 12.18 25.74 -25.73
N ASP B 54 11.51 25.74 -24.59
CA ASP B 54 11.88 26.64 -23.51
C ASP B 54 13.02 26.08 -22.66
N ILE B 55 13.06 26.46 -21.39
CA ILE B 55 14.10 25.96 -20.51
C ILE B 55 13.57 25.05 -19.39
N TRP B 56 14.15 23.85 -19.33
CA TRP B 56 13.89 22.88 -18.27
C TRP B 56 14.74 23.17 -17.04
N ASN B 57 14.11 23.33 -15.89
CA ASN B 57 14.85 23.70 -14.68
C ASN B 57 15.32 22.51 -13.86
N ALA B 58 16.55 22.07 -14.12
CA ALA B 58 17.11 20.93 -13.43
C ALA B 58 17.74 21.35 -12.11
N THR B 59 16.90 21.70 -11.14
CA THR B 59 17.36 22.28 -9.89
C THR B 59 16.79 21.52 -8.70
N LYS B 60 16.14 20.40 -8.99
CA LYS B 60 15.61 19.56 -7.93
C LYS B 60 15.69 18.09 -8.34
N TYR B 61 15.89 17.19 -7.38
CA TYR B 61 15.87 15.76 -7.66
C TYR B 61 14.52 15.39 -8.23
N ALA B 62 14.52 14.54 -9.26
CA ALA B 62 13.26 14.17 -9.89
C ALA B 62 12.51 13.12 -9.08
N ASN B 63 11.36 12.68 -9.61
CA ASN B 63 10.61 11.60 -9.00
C ASN B 63 11.45 10.33 -8.96
N SER B 64 11.21 9.51 -7.96
CA SER B 64 11.77 8.17 -7.89
C SER B 64 10.84 7.20 -8.58
N CYS B 65 11.39 6.17 -9.20
CA CYS B 65 10.56 5.16 -9.85
C CYS B 65 9.77 4.40 -8.81
N CYS B 66 8.58 3.96 -9.19
CA CYS B 66 7.70 3.20 -8.32
C CYS B 66 8.41 1.98 -7.74
N GLN B 67 8.19 1.74 -6.45
CA GLN B 67 8.84 0.65 -5.73
C GLN B 67 8.23 0.44 -4.34
N ASN B 68 8.35 -0.77 -3.82
CA ASN B 68 7.99 -1.02 -2.43
C ASN B 68 9.01 -0.38 -1.50
N ILE B 69 8.52 0.07 -0.36
CA ILE B 69 9.31 0.80 0.61
C ILE B 69 9.59 -0.06 1.82
N ASP B 70 10.83 -0.02 2.28
CA ASP B 70 11.20 -0.78 3.47
C ASP B 70 10.68 -0.09 4.72
N GLN B 71 9.61 -0.61 5.27
CA GLN B 71 9.02 -0.04 6.47
C GLN B 71 9.03 -1.07 7.59
N SER B 72 10.02 -1.95 7.57
CA SER B 72 10.17 -2.98 8.60
C SER B 72 10.47 -2.36 9.95
N PHE B 73 11.28 -1.31 9.93
CA PHE B 73 11.70 -0.65 11.15
C PHE B 73 11.40 0.84 11.05
N PRO B 74 10.15 1.21 11.33
CA PRO B 74 9.76 2.62 11.33
C PRO B 74 10.61 3.45 12.30
N GLY B 75 11.13 4.57 11.82
CA GLY B 75 11.94 5.44 12.65
C GLY B 75 13.40 5.05 12.69
N PHE B 76 13.71 3.82 12.30
CA PHE B 76 15.09 3.37 12.31
C PHE B 76 15.84 3.87 11.07
N HIS B 77 16.96 4.56 11.29
CA HIS B 77 17.72 5.16 10.18
C HIS B 77 18.40 4.11 9.31
N GLY B 78 18.80 3.00 9.92
CA GLY B 78 19.53 1.96 9.24
C GLY B 78 18.82 1.43 8.00
N SER B 79 17.49 1.43 8.04
CA SER B 79 16.68 0.95 6.94
C SER B 79 16.12 2.10 6.12
N GLU B 80 15.75 3.17 6.81
CA GLU B 80 15.07 4.27 6.13
C GLU B 80 16.01 5.12 5.31
N MET B 81 17.31 4.95 5.49
CA MET B 81 18.26 5.68 4.66
C MET B 81 18.28 5.15 3.22
N TRP B 82 17.64 4.02 2.99
CA TRP B 82 17.63 3.44 1.66
C TRP B 82 16.30 3.69 0.97
N ASN B 83 15.32 4.12 1.75
CA ASN B 83 14.01 4.48 1.24
C ASN B 83 14.11 5.73 0.39
N PRO B 84 13.33 5.79 -0.71
CA PRO B 84 13.37 6.92 -1.64
C PRO B 84 13.09 8.23 -0.93
N ASN B 85 13.77 9.28 -1.35
CA ASN B 85 13.64 10.59 -0.72
C ASN B 85 13.01 11.62 -1.65
N THR B 86 12.30 11.16 -2.68
CA THR B 86 11.46 12.02 -3.51
C THR B 86 10.17 11.28 -3.81
N ASP B 87 9.20 11.95 -4.41
CA ASP B 87 7.93 11.32 -4.71
C ASP B 87 8.06 10.15 -5.71
N LEU B 88 7.23 9.13 -5.51
CA LEU B 88 7.19 7.96 -6.40
C LEU B 88 6.25 8.22 -7.58
N SER B 89 6.64 7.72 -8.74
CA SER B 89 5.88 7.95 -9.96
C SER B 89 6.42 7.09 -11.10
N GLU B 90 5.55 6.65 -11.99
CA GLU B 90 6.01 5.95 -13.19
C GLU B 90 6.80 6.89 -14.11
N ASP B 91 6.64 8.19 -13.88
CA ASP B 91 7.37 9.23 -14.60
C ASP B 91 8.67 9.49 -13.86
N CYS B 92 9.72 8.74 -14.20
CA CYS B 92 10.92 8.76 -13.38
C CYS B 92 12.23 8.66 -14.17
N LEU B 93 12.14 8.58 -15.50
CA LEU B 93 13.35 8.49 -16.31
C LEU B 93 14.09 9.83 -16.39
N TYR B 94 14.82 10.14 -15.33
CA TYR B 94 15.63 11.35 -15.27
C TYR B 94 17.07 10.97 -14.89
N LEU B 95 18.00 11.91 -15.00
CA LEU B 95 19.36 11.66 -14.51
C LEU B 95 19.94 12.92 -13.85
N ASN B 96 21.05 12.77 -13.16
CA ASN B 96 21.72 13.87 -12.49
C ASN B 96 23.12 14.06 -13.02
N VAL B 97 23.57 15.32 -13.08
CA VAL B 97 24.94 15.61 -13.53
C VAL B 97 25.59 16.59 -12.56
N TRP B 98 26.76 16.22 -12.05
CA TRP B 98 27.57 17.12 -11.22
C TRP B 98 28.85 17.50 -11.94
N ILE B 99 29.20 18.78 -11.91
CA ILE B 99 30.39 19.30 -12.59
C ILE B 99 31.20 20.17 -11.65
N PRO B 100 32.53 20.01 -11.66
CA PRO B 100 33.34 20.89 -10.82
C PRO B 100 33.29 22.33 -11.32
N ALA B 101 33.63 23.26 -10.44
CA ALA B 101 33.86 24.64 -10.85
C ALA B 101 35.27 25.00 -10.41
N PRO B 102 36.03 25.63 -11.31
CA PRO B 102 35.52 25.95 -12.66
C PRO B 102 35.18 24.69 -13.45
N LYS B 103 34.81 24.86 -14.71
CA LYS B 103 34.46 23.73 -15.57
C LYS B 103 35.65 23.27 -16.39
N PRO B 104 35.65 21.94 -16.78
CA PRO B 104 36.82 21.53 -17.58
C PRO B 104 36.51 21.51 -19.07
N LYS B 105 37.42 20.94 -19.86
CA LYS B 105 37.22 20.86 -21.30
C LYS B 105 36.99 19.42 -21.75
N ASN B 106 37.58 18.47 -21.03
CA ASN B 106 37.43 17.06 -21.35
C ASN B 106 37.61 16.18 -20.13
N ALA B 107 36.78 16.39 -19.11
CA ALA B 107 36.86 15.61 -17.87
C ALA B 107 36.37 14.16 -18.08
N THR B 108 36.95 13.21 -17.35
CA THR B 108 36.48 11.83 -17.39
C THR B 108 35.19 11.70 -16.56
N VAL B 109 34.29 10.82 -17.02
CA VAL B 109 32.95 10.72 -16.43
C VAL B 109 32.68 9.43 -15.66
N LEU B 110 32.23 9.57 -14.42
CA LEU B 110 31.81 8.45 -13.58
C LEU B 110 30.29 8.35 -13.52
N ILE B 111 29.74 7.21 -13.94
CA ILE B 111 28.31 6.98 -13.96
C ILE B 111 27.89 5.97 -12.91
N TRP B 112 26.92 6.35 -12.09
CA TRP B 112 26.48 5.52 -10.99
C TRP B 112 25.18 4.82 -11.30
N ILE B 113 25.15 3.52 -11.04
CA ILE B 113 23.94 2.74 -11.20
C ILE B 113 23.58 2.18 -9.83
N TYR B 114 22.51 2.69 -9.23
CA TYR B 114 22.19 2.34 -7.84
C TYR B 114 21.77 0.89 -7.66
N GLY B 115 21.97 0.42 -6.43
CA GLY B 115 21.64 -0.94 -6.08
C GLY B 115 20.30 -1.13 -5.45
N GLY B 116 20.05 -2.38 -5.10
CA GLY B 116 18.78 -2.85 -4.58
C GLY B 116 18.79 -4.30 -5.02
N GLY B 117 17.60 -4.90 -5.05
CA GLY B 117 17.46 -6.24 -5.60
C GLY B 117 16.84 -6.14 -6.98
N PHE B 118 17.05 -4.99 -7.62
CA PHE B 118 16.34 -4.56 -8.82
C PHE B 118 14.88 -4.23 -8.50
N GLN B 119 14.54 -4.17 -7.22
CA GLN B 119 13.15 -3.90 -6.82
C GLN B 119 12.99 -2.49 -6.23
N THR B 120 14.10 -1.91 -5.83
CA THR B 120 14.07 -0.65 -5.10
C THR B 120 15.26 0.22 -5.47
N GLY B 121 15.29 1.43 -4.93
CA GLY B 121 16.44 2.30 -5.08
C GLY B 121 16.16 3.53 -5.91
N THR B 122 17.06 4.51 -5.82
CA THR B 122 16.93 5.75 -6.60
C THR B 122 18.24 6.53 -6.52
N SER B 123 18.48 7.43 -7.48
CA SER B 123 19.78 8.08 -7.54
C SER B 123 19.87 9.28 -6.64
N SER B 124 18.76 9.63 -6.01
CA SER B 124 18.70 10.88 -5.28
C SER B 124 19.01 10.71 -3.80
N LEU B 125 19.52 9.54 -3.44
CA LEU B 125 19.88 9.28 -2.03
C LEU B 125 21.05 10.16 -1.60
N HIS B 126 21.11 10.42 -0.29
CA HIS B 126 22.19 11.21 0.29
C HIS B 126 23.55 10.52 0.07
N VAL B 127 23.60 9.20 0.19
CA VAL B 127 24.86 8.47 0.05
C VAL B 127 25.34 8.40 -1.40
N TYR B 128 24.49 8.79 -2.35
CA TYR B 128 24.92 8.78 -3.74
C TYR B 128 25.21 10.20 -4.24
N ASP B 129 25.40 11.14 -3.33
CA ASP B 129 25.64 12.55 -3.69
C ASP B 129 27.00 12.74 -4.34
N GLY B 130 26.99 13.03 -5.64
CA GLY B 130 28.22 13.18 -6.40
C GLY B 130 28.97 14.48 -6.26
N LYS B 131 28.49 15.41 -5.44
CA LYS B 131 29.11 16.74 -5.38
C LYS B 131 30.50 16.67 -4.75
N PHE B 132 30.69 15.78 -3.78
CA PHE B 132 32.01 15.63 -3.19
C PHE B 132 32.99 15.11 -4.24
N LEU B 133 32.58 14.09 -4.99
CA LEU B 133 33.42 13.52 -6.05
C LEU B 133 33.80 14.54 -7.12
N ALA B 134 32.90 15.47 -7.38
CA ALA B 134 33.15 16.52 -8.36
C ALA B 134 34.18 17.51 -7.81
N ARG B 135 34.03 17.90 -6.55
CA ARG B 135 34.94 18.84 -5.92
C ARG B 135 36.34 18.28 -5.75
N VAL B 136 36.43 17.08 -5.19
CA VAL B 136 37.71 16.57 -4.71
C VAL B 136 38.62 15.98 -5.80
N GLU B 137 38.05 15.28 -6.78
CA GLU B 137 38.88 14.66 -7.81
C GLU B 137 38.61 15.27 -9.19
N ARG B 138 37.70 16.24 -9.22
CA ARG B 138 37.36 17.02 -10.41
C ARG B 138 36.91 16.14 -11.59
N VAL B 139 36.06 15.16 -11.28
CA VAL B 139 35.41 14.34 -12.29
C VAL B 139 33.98 14.80 -12.42
N ILE B 140 33.36 14.46 -13.55
CA ILE B 140 31.94 14.66 -13.73
C ILE B 140 31.23 13.39 -13.24
N VAL B 141 30.19 13.58 -12.44
CA VAL B 141 29.46 12.45 -11.86
C VAL B 141 28.02 12.41 -12.36
N VAL B 142 27.61 11.28 -12.90
CA VAL B 142 26.25 11.13 -13.44
C VAL B 142 25.52 10.01 -12.72
N SER B 143 24.25 10.20 -12.41
CA SER B 143 23.45 9.09 -11.91
C SER B 143 22.03 9.20 -12.44
N MET B 144 21.44 8.05 -12.77
CA MET B 144 20.14 8.02 -13.39
C MET B 144 19.15 7.19 -12.58
N ASN B 145 17.86 7.40 -12.78
CA ASN B 145 16.85 6.47 -12.29
C ASN B 145 16.48 5.49 -13.39
N TYR B 146 16.28 4.22 -13.01
CA TYR B 146 15.84 3.20 -13.95
C TYR B 146 14.66 2.43 -13.33
N ARG B 147 13.78 1.87 -14.14
CA ARG B 147 12.60 1.22 -13.60
C ARG B 147 12.97 -0.06 -12.82
N VAL B 148 12.33 -0.24 -11.67
CA VAL B 148 12.60 -1.39 -10.83
C VAL B 148 11.36 -2.26 -10.74
N GLY B 149 11.47 -3.42 -10.11
CA GLY B 149 10.33 -4.31 -9.98
C GLY B 149 9.74 -4.76 -11.31
N ALA B 150 8.50 -5.22 -11.25
CA ALA B 150 7.77 -5.67 -12.43
C ALA B 150 7.68 -4.57 -13.49
N LEU B 151 7.60 -3.31 -13.07
CA LEU B 151 7.56 -2.21 -14.02
C LEU B 151 8.84 -2.12 -14.83
N GLY B 152 9.91 -2.69 -14.33
CA GLY B 152 11.16 -2.60 -15.04
C GLY B 152 11.68 -3.92 -15.59
N PHE B 153 11.20 -5.04 -15.05
CA PHE B 153 11.80 -6.32 -15.38
C PHE B 153 10.81 -7.46 -15.63
N LEU B 154 9.53 -7.13 -15.76
CA LEU B 154 8.51 -8.10 -16.17
C LEU B 154 8.85 -8.65 -17.54
N ALA B 155 8.61 -9.93 -17.76
CA ALA B 155 9.04 -10.56 -19.00
C ALA B 155 8.01 -11.48 -19.66
N LEU B 156 7.75 -11.20 -20.94
CA LEU B 156 7.15 -12.15 -21.88
C LEU B 156 8.03 -12.19 -23.12
N PRO B 157 8.99 -13.13 -23.15
CA PRO B 157 10.11 -13.19 -24.12
C PRO B 157 9.67 -13.24 -25.59
N GLY B 158 10.15 -12.27 -26.36
CA GLY B 158 9.86 -12.18 -27.78
C GLY B 158 8.76 -11.17 -28.08
N ASN B 159 8.08 -10.76 -27.01
CA ASN B 159 6.95 -9.86 -27.09
C ASN B 159 7.29 -8.42 -26.65
N PRO B 160 7.42 -7.49 -27.61
CA PRO B 160 7.82 -6.10 -27.34
C PRO B 160 6.88 -5.35 -26.39
N GLU B 161 5.81 -6.01 -25.97
CA GLU B 161 4.80 -5.39 -25.11
C GLU B 161 5.29 -5.47 -23.68
N ALA B 162 6.16 -6.44 -23.43
CA ALA B 162 6.86 -6.61 -22.15
C ALA B 162 7.97 -7.62 -22.36
N PRO B 163 9.09 -7.18 -22.93
CA PRO B 163 10.14 -8.08 -23.38
C PRO B 163 11.14 -8.48 -22.28
N GLY B 164 11.18 -7.72 -21.19
CA GLY B 164 12.17 -7.97 -20.15
C GLY B 164 13.28 -6.95 -20.23
N ASN B 165 14.00 -6.78 -19.12
CA ASN B 165 15.18 -5.93 -19.06
C ASN B 165 14.91 -4.46 -19.38
N MET B 166 13.67 -4.03 -19.20
CA MET B 166 13.33 -2.64 -19.49
C MET B 166 14.19 -1.71 -18.65
N GLY B 167 14.31 -2.02 -17.36
CA GLY B 167 15.15 -1.24 -16.47
C GLY B 167 16.60 -1.18 -16.92
N LEU B 168 17.09 -2.25 -17.53
CA LEU B 168 18.45 -2.26 -18.08
C LEU B 168 18.56 -1.33 -19.29
N PHE B 169 17.52 -1.31 -20.14
CA PHE B 169 17.49 -0.44 -21.31
C PHE B 169 17.37 1.03 -20.93
N ASP B 170 16.72 1.30 -19.80
CA ASP B 170 16.72 2.63 -19.22
C ASP B 170 18.17 3.07 -18.95
N GLN B 171 18.91 2.24 -18.21
CA GLN B 171 20.31 2.55 -17.92
C GLN B 171 21.03 2.81 -19.23
N GLN B 172 20.81 1.92 -20.21
CA GLN B 172 21.51 2.04 -21.47
C GLN B 172 21.17 3.35 -22.17
N LEU B 173 19.92 3.78 -22.05
CA LEU B 173 19.51 5.01 -22.70
C LEU B 173 20.17 6.22 -22.02
N ALA B 174 20.33 6.16 -20.69
CA ALA B 174 21.05 7.21 -19.99
C ALA B 174 22.51 7.26 -20.42
N LEU B 175 23.12 6.10 -20.65
CA LEU B 175 24.51 6.10 -21.09
C LEU B 175 24.63 6.70 -22.49
N GLN B 176 23.64 6.40 -23.33
CA GLN B 176 23.58 6.97 -24.67
C GLN B 176 23.42 8.49 -24.59
N TRP B 177 22.66 8.95 -23.61
CA TRP B 177 22.48 10.37 -23.39
C TRP B 177 23.80 11.07 -23.08
N VAL B 178 24.61 10.42 -22.26
CA VAL B 178 25.91 10.97 -21.87
C VAL B 178 26.82 11.09 -23.09
N GLN B 179 26.85 10.05 -23.91
CA GLN B 179 27.61 10.09 -25.15
C GLN B 179 27.28 11.30 -26.01
N LYS B 180 25.99 11.62 -26.09
CA LYS B 180 25.54 12.67 -27.00
C LYS B 180 25.49 14.05 -26.35
N ASN B 181 25.64 14.12 -25.04
CA ASN B 181 25.48 15.39 -24.35
C ASN B 181 26.63 15.82 -23.45
N ILE B 182 27.47 14.89 -23.02
CA ILE B 182 28.40 15.19 -21.92
C ILE B 182 29.49 16.16 -22.33
N ALA B 183 29.74 16.29 -23.62
CA ALA B 183 30.79 17.17 -24.10
C ALA B 183 30.43 18.62 -23.81
N ALA B 184 29.14 18.92 -23.91
CA ALA B 184 28.61 20.26 -23.65
C ALA B 184 28.77 20.67 -22.19
N PHE B 185 28.93 19.70 -21.31
CA PHE B 185 29.14 19.96 -19.89
C PHE B 185 30.62 19.98 -19.55
N GLY B 186 31.45 19.61 -20.52
CA GLY B 186 32.89 19.62 -20.33
C GLY B 186 33.43 18.24 -20.07
N GLY B 187 32.64 17.22 -20.42
CA GLY B 187 33.02 15.84 -20.20
C GLY B 187 33.64 15.14 -21.39
N ASN B 188 34.37 14.07 -21.11
CA ASN B 188 35.03 13.27 -22.14
C ASN B 188 34.30 11.94 -22.37
N PRO B 189 33.51 11.87 -23.45
CA PRO B 189 32.72 10.66 -23.74
C PRO B 189 33.58 9.44 -24.05
N LYS B 190 34.89 9.64 -24.23
CA LYS B 190 35.76 8.50 -24.51
C LYS B 190 36.49 8.04 -23.25
N SER B 191 36.14 8.62 -22.11
CA SER B 191 36.65 8.15 -20.82
C SER B 191 35.51 8.10 -19.80
N VAL B 192 34.66 7.08 -19.93
CA VAL B 192 33.49 6.95 -19.09
C VAL B 192 33.55 5.66 -18.28
N THR B 193 33.36 5.78 -16.97
CA THR B 193 33.47 4.64 -16.10
C THR B 193 32.18 4.37 -15.33
N LEU B 194 31.63 3.18 -15.52
CA LEU B 194 30.44 2.75 -14.79
C LEU B 194 30.86 2.22 -13.44
N PHE B 195 30.07 2.55 -12.42
CA PHE B 195 30.22 1.88 -11.14
C PHE B 195 28.87 1.78 -10.46
N GLY B 196 28.68 0.72 -9.68
CA GLY B 196 27.43 0.47 -9.00
C GLY B 196 27.61 -0.56 -7.91
N GLU B 197 26.61 -0.70 -7.04
CA GLU B 197 26.70 -1.62 -5.93
C GLU B 197 25.59 -2.66 -5.94
N SER B 198 25.97 -3.91 -5.69
CA SER B 198 25.03 -5.03 -5.65
C SER B 198 24.35 -5.14 -7.01
N ALA B 199 23.04 -4.96 -7.05
CA ALA B 199 22.33 -5.03 -8.33
C ALA B 199 22.85 -4.04 -9.36
N GLY B 200 23.37 -2.91 -8.88
CA GLY B 200 23.98 -1.93 -9.75
C GLY B 200 25.28 -2.45 -10.31
N ALA B 201 26.09 -3.08 -9.45
CA ALA B 201 27.31 -3.73 -9.88
C ALA B 201 26.99 -4.87 -10.85
N ALA B 202 25.93 -5.63 -10.58
CA ALA B 202 25.49 -6.69 -11.49
C ALA B 202 24.99 -6.08 -12.81
N SER B 203 24.36 -4.92 -12.71
CA SER B 203 23.90 -4.21 -13.89
C SER B 203 25.09 -3.80 -14.75
N VAL B 204 26.13 -3.29 -14.09
CA VAL B 204 27.38 -2.92 -14.73
C VAL B 204 28.00 -4.09 -15.50
N SER B 205 28.08 -5.23 -14.83
CA SER B 205 28.66 -6.44 -15.42
C SER B 205 27.84 -6.94 -16.60
N LEU B 206 26.55 -6.64 -16.57
CA LEU B 206 25.69 -6.98 -17.69
C LEU B 206 25.95 -6.06 -18.89
N HIS B 207 26.35 -4.81 -18.62
CA HIS B 207 26.67 -3.89 -19.71
C HIS B 207 27.95 -4.32 -20.43
N LEU B 208 28.83 -5.03 -19.74
CA LEU B 208 30.02 -5.61 -20.38
C LEU B 208 29.64 -6.68 -21.40
N LEU B 209 28.60 -7.45 -21.08
CA LEU B 209 28.15 -8.54 -21.94
C LEU B 209 27.36 -8.04 -23.16
N SER B 210 26.52 -7.04 -22.95
CA SER B 210 25.60 -6.60 -23.99
C SER B 210 26.24 -5.73 -25.05
N PRO B 211 26.21 -6.19 -26.31
CA PRO B 211 26.74 -5.46 -27.46
C PRO B 211 26.28 -4.00 -27.54
N GLY B 212 25.04 -3.71 -27.20
CA GLY B 212 24.51 -2.35 -27.30
C GLY B 212 25.23 -1.34 -26.43
N SER B 213 25.84 -1.83 -25.35
CA SER B 213 26.48 -0.97 -24.37
C SER B 213 27.98 -0.83 -24.60
N HIS B 214 28.51 -1.61 -25.55
CA HIS B 214 29.94 -1.65 -25.84
C HIS B 214 30.58 -0.26 -25.96
N SER B 215 29.97 0.62 -26.75
CA SER B 215 30.58 1.90 -27.08
C SER B 215 30.18 3.03 -26.14
N LEU B 216 29.41 2.73 -25.10
CA LEU B 216 28.85 3.81 -24.29
C LEU B 216 29.62 4.06 -22.99
N PHE B 217 30.66 3.28 -22.75
CA PHE B 217 31.51 3.51 -21.59
C PHE B 217 32.89 2.89 -21.81
N THR B 218 33.82 3.16 -20.89
CA THR B 218 35.21 2.74 -21.03
C THR B 218 35.61 1.65 -20.06
N ARG B 219 35.33 1.88 -18.78
CA ARG B 219 35.74 0.98 -17.72
C ARG B 219 34.61 0.73 -16.74
N ALA B 220 34.80 -0.25 -15.88
CA ALA B 220 33.73 -0.69 -14.99
C ALA B 220 34.22 -0.91 -13.57
N ILE B 221 33.40 -0.55 -12.60
CA ILE B 221 33.67 -0.86 -11.21
C ILE B 221 32.48 -1.60 -10.62
N LEU B 222 32.76 -2.73 -9.98
CA LEU B 222 31.70 -3.59 -9.51
C LEU B 222 31.80 -3.76 -8.00
N GLN B 223 30.91 -3.12 -7.25
CA GLN B 223 30.94 -3.25 -5.80
C GLN B 223 29.88 -4.23 -5.28
N SER B 224 30.33 -5.28 -4.61
CA SER B 224 29.43 -6.32 -4.08
C SER B 224 28.37 -6.84 -5.04
N GLY B 225 28.72 -7.06 -6.30
CA GLY B 225 27.77 -7.62 -7.23
C GLY B 225 28.36 -8.03 -8.57
N SER B 226 27.72 -9.00 -9.21
CA SER B 226 28.08 -9.44 -10.56
C SER B 226 26.95 -10.32 -11.08
N PHE B 227 26.88 -10.53 -12.39
CA PHE B 227 25.73 -11.21 -12.97
C PHE B 227 25.69 -12.68 -12.60
N ASN B 228 26.83 -13.21 -12.19
CA ASN B 228 26.90 -14.64 -11.85
C ASN B 228 26.48 -14.88 -10.41
N ALA B 229 26.06 -13.81 -9.73
CA ALA B 229 25.50 -14.01 -8.41
C ALA B 229 24.24 -14.86 -8.57
N PRO B 230 23.95 -15.73 -7.60
CA PRO B 230 22.80 -16.63 -7.72
C PRO B 230 21.48 -15.87 -7.81
N TRP B 231 21.47 -14.64 -7.32
CA TRP B 231 20.24 -13.87 -7.24
C TRP B 231 20.09 -12.94 -8.44
N ALA B 232 21.12 -12.88 -9.29
CA ALA B 232 21.21 -11.82 -10.30
C ALA B 232 20.34 -12.02 -11.54
N VAL B 233 20.20 -13.26 -11.99
CA VAL B 233 19.52 -13.53 -13.27
C VAL B 233 18.46 -14.62 -13.16
N THR B 234 17.31 -14.37 -13.75
CA THR B 234 16.20 -15.29 -13.67
C THR B 234 16.11 -16.06 -14.99
N SER B 235 15.89 -17.36 -14.91
CA SER B 235 15.77 -18.17 -16.10
C SER B 235 14.54 -17.76 -16.89
N LEU B 236 14.58 -18.03 -18.19
CA LEU B 236 13.51 -17.70 -19.10
C LEU B 236 12.20 -18.34 -18.62
N TYR B 237 12.30 -19.54 -18.05
CA TYR B 237 11.12 -20.26 -17.64
C TYR B 237 10.61 -19.76 -16.30
N GLU B 238 11.49 -19.37 -15.40
CA GLU B 238 11.02 -18.94 -14.09
C GLU B 238 10.48 -17.50 -14.16
N ALA B 239 10.94 -16.72 -15.14
CA ALA B 239 10.38 -15.40 -15.35
C ALA B 239 8.94 -15.52 -15.81
N ARG B 240 8.69 -16.46 -16.72
CA ARG B 240 7.36 -16.62 -17.27
C ARG B 240 6.41 -17.07 -16.18
N ASN B 241 6.89 -17.92 -15.30
CA ASN B 241 6.09 -18.42 -14.18
C ASN B 241 5.70 -17.31 -13.22
N ARG B 242 6.53 -16.27 -13.16
CA ARG B 242 6.27 -15.16 -12.26
C ARG B 242 5.33 -14.12 -12.87
N THR B 243 5.44 -13.93 -14.17
CA THR B 243 4.53 -13.05 -14.87
C THR B 243 3.11 -13.57 -14.76
N LEU B 244 2.95 -14.89 -14.90
CA LEU B 244 1.64 -15.50 -14.78
C LEU B 244 1.15 -15.48 -13.34
N ASN B 245 2.04 -15.71 -12.39
CA ASN B 245 1.65 -15.61 -10.99
C ASN B 245 1.15 -14.21 -10.68
N LEU B 246 1.81 -13.19 -11.25
CA LEU B 246 1.43 -11.81 -11.01
C LEU B 246 0.08 -11.50 -11.64
N ALA B 247 -0.11 -11.94 -12.88
CA ALA B 247 -1.38 -11.76 -13.60
C ALA B 247 -2.51 -12.44 -12.84
N LYS B 248 -2.28 -13.64 -12.34
CA LYS B 248 -3.30 -14.31 -11.56
C LYS B 248 -3.63 -13.52 -10.30
N LEU B 249 -2.59 -13.03 -9.62
CA LEU B 249 -2.80 -12.27 -8.39
C LEU B 249 -3.46 -10.90 -8.61
N THR B 250 -3.39 -10.38 -9.84
CA THR B 250 -3.95 -9.07 -10.13
C THR B 250 -5.28 -9.09 -10.91
N GLY B 251 -5.85 -10.28 -11.07
CA GLY B 251 -7.09 -10.46 -11.80
C GLY B 251 -6.89 -10.20 -13.28
N CYS B 252 -5.74 -10.60 -13.80
CA CYS B 252 -5.38 -10.33 -15.18
C CYS B 252 -5.06 -11.59 -16.00
N SER B 253 -5.39 -12.76 -15.46
CA SER B 253 -5.17 -14.01 -16.19
C SER B 253 -5.98 -14.05 -17.49
N ARG B 254 -5.31 -14.26 -18.61
CA ARG B 254 -5.99 -14.33 -19.91
C ARG B 254 -5.40 -15.46 -20.75
N GLU B 255 -5.72 -15.47 -22.04
CA GLU B 255 -5.17 -16.47 -22.95
C GLU B 255 -4.14 -15.86 -23.87
N ASN B 256 -4.50 -14.78 -24.56
CA ASN B 256 -3.49 -14.03 -25.30
C ASN B 256 -2.69 -13.31 -24.23
N GLU B 257 -1.40 -13.16 -24.47
CA GLU B 257 -0.56 -12.47 -23.51
C GLU B 257 -0.57 -10.99 -23.85
N THR B 258 -0.77 -10.70 -25.13
CA THR B 258 -0.93 -9.33 -25.60
C THR B 258 -2.06 -8.66 -24.81
N GLU B 259 -3.06 -9.46 -24.43
CA GLU B 259 -4.18 -8.98 -23.64
C GLU B 259 -3.89 -9.04 -22.13
N ILE B 260 -3.04 -9.97 -21.70
CA ILE B 260 -2.60 -9.98 -20.30
C ILE B 260 -1.89 -8.68 -19.96
N ILE B 261 -1.04 -8.22 -20.87
CA ILE B 261 -0.31 -6.98 -20.68
C ILE B 261 -1.29 -5.82 -20.68
N LYS B 262 -2.29 -5.89 -21.56
CA LYS B 262 -3.34 -4.89 -21.64
C LYS B 262 -4.05 -4.75 -20.30
N CYS B 263 -4.30 -5.88 -19.67
CA CYS B 263 -4.97 -5.88 -18.38
C CYS B 263 -4.06 -5.29 -17.31
N LEU B 264 -2.79 -5.70 -17.33
CA LEU B 264 -1.81 -5.20 -16.37
C LEU B 264 -1.62 -3.70 -16.49
N ARG B 265 -1.81 -3.16 -17.70
CA ARG B 265 -1.64 -1.73 -17.93
C ARG B 265 -2.75 -0.89 -17.32
N ASN B 266 -3.84 -1.53 -16.93
CA ASN B 266 -4.97 -0.83 -16.33
C ASN B 266 -4.94 -0.89 -14.81
N LYS B 267 -4.02 -1.66 -14.25
CA LYS B 267 -3.92 -1.80 -12.81
C LYS B 267 -3.25 -0.56 -12.22
N ASP B 268 -3.71 -0.12 -11.05
CA ASP B 268 -2.99 0.94 -10.34
C ASP B 268 -1.61 0.43 -9.98
N PRO B 269 -0.60 1.30 -10.07
CA PRO B 269 0.78 0.89 -9.77
C PRO B 269 0.91 0.15 -8.43
N GLN B 270 0.14 0.57 -7.43
CA GLN B 270 0.20 -0.02 -6.11
C GLN B 270 -0.28 -1.48 -6.11
N GLU B 271 -1.15 -1.80 -7.05
CA GLU B 271 -1.74 -3.13 -7.10
C GLU B 271 -0.74 -4.10 -7.74
N ILE B 272 0.11 -3.57 -8.61
CA ILE B 272 1.18 -4.36 -9.16
C ILE B 272 2.30 -4.50 -8.14
N LEU B 273 2.67 -3.39 -7.51
CA LEU B 273 3.73 -3.38 -6.49
C LEU B 273 3.42 -4.28 -5.31
N LEU B 274 2.21 -4.20 -4.80
CA LEU B 274 1.85 -4.92 -3.58
C LEU B 274 1.63 -6.41 -3.79
N ASN B 275 1.72 -6.87 -5.03
CA ASN B 275 1.57 -8.29 -5.32
C ASN B 275 2.88 -8.93 -5.73
N GLU B 276 3.90 -8.10 -5.90
CA GLU B 276 5.18 -8.57 -6.39
C GLU B 276 5.77 -9.61 -5.46
N ALA B 277 5.59 -9.43 -4.15
CA ALA B 277 6.18 -10.33 -3.17
C ALA B 277 5.67 -11.76 -3.27
N PHE B 278 4.49 -11.94 -3.84
CA PHE B 278 3.84 -13.23 -3.86
C PHE B 278 4.12 -14.06 -5.12
N VAL B 279 4.77 -13.48 -6.13
CA VAL B 279 4.96 -14.22 -7.37
C VAL B 279 5.95 -15.37 -7.21
N VAL B 280 6.74 -15.33 -6.16
CA VAL B 280 7.61 -16.47 -5.81
C VAL B 280 7.31 -16.99 -4.40
N PRO B 281 6.96 -18.28 -4.28
CA PRO B 281 6.59 -18.97 -3.03
C PRO B 281 7.70 -18.96 -1.96
N TYR B 282 8.92 -19.33 -2.38
CA TYR B 282 10.04 -19.45 -1.45
C TYR B 282 10.67 -18.09 -1.10
N GLY B 283 9.85 -17.05 -0.99
CA GLY B 283 10.29 -15.70 -0.70
C GLY B 283 11.24 -15.40 0.45
N THR B 284 12.47 -15.05 0.13
CA THR B 284 13.47 -14.68 1.13
C THR B 284 13.80 -13.19 0.93
N PRO B 285 14.56 -12.59 1.86
CA PRO B 285 14.97 -11.21 1.59
C PRO B 285 16.02 -11.08 0.49
N LEU B 286 16.52 -12.20 -0.05
CA LEU B 286 17.48 -12.13 -1.15
C LEU B 286 16.82 -12.49 -2.46
N SER B 287 15.50 -12.59 -2.43
CA SER B 287 14.73 -12.95 -3.61
C SER B 287 14.67 -11.74 -4.53
N VAL B 288 14.94 -11.96 -5.81
CA VAL B 288 14.77 -10.93 -6.82
C VAL B 288 13.52 -11.28 -7.62
N ASN B 289 12.37 -10.74 -7.20
CA ASN B 289 11.11 -11.15 -7.80
C ASN B 289 11.08 -10.94 -9.31
N PHE B 290 11.51 -9.76 -9.74
CA PHE B 290 11.61 -9.42 -11.15
C PHE B 290 12.95 -8.77 -11.43
N GLY B 291 13.83 -9.48 -12.13
CA GLY B 291 15.15 -8.96 -12.43
C GLY B 291 15.54 -9.25 -13.86
N PRO B 292 16.83 -9.10 -14.20
CA PRO B 292 17.27 -9.35 -15.57
C PRO B 292 16.98 -10.78 -16.00
N THR B 293 16.68 -10.94 -17.28
CA THR B 293 16.46 -12.27 -17.87
C THR B 293 17.10 -12.28 -19.24
N VAL B 294 17.17 -13.46 -19.85
CA VAL B 294 17.71 -13.56 -21.18
C VAL B 294 16.62 -13.20 -22.18
N ASP B 295 16.67 -11.98 -22.71
CA ASP B 295 15.58 -11.48 -23.53
C ASP B 295 15.86 -11.61 -25.03
N GLY B 296 17.06 -12.05 -25.37
CA GLY B 296 17.47 -12.16 -26.76
C GLY B 296 17.75 -10.81 -27.38
N ASP B 297 17.70 -9.76 -26.56
CA ASP B 297 17.93 -8.40 -27.05
C ASP B 297 19.10 -7.82 -26.28
N PHE B 298 18.87 -7.47 -25.03
CA PHE B 298 19.96 -6.98 -24.20
C PHE B 298 20.92 -8.10 -23.88
N LEU B 299 20.37 -9.28 -23.63
CA LEU B 299 21.17 -10.46 -23.43
C LEU B 299 20.80 -11.46 -24.50
N THR B 300 21.69 -11.64 -25.48
CA THR B 300 21.36 -12.51 -26.60
C THR B 300 21.52 -13.97 -26.22
N ASP B 301 22.18 -14.21 -25.08
CA ASP B 301 22.39 -15.57 -24.58
C ASP B 301 22.64 -15.60 -23.06
N MET B 302 22.71 -16.81 -22.51
CA MET B 302 23.01 -17.01 -21.10
C MET B 302 24.34 -16.37 -20.70
N PRO B 303 24.32 -15.56 -19.61
CA PRO B 303 25.48 -14.76 -19.21
C PRO B 303 26.72 -15.61 -18.93
N ASP B 304 26.54 -16.74 -18.26
CA ASP B 304 27.64 -17.63 -17.94
C ASP B 304 28.37 -18.11 -19.20
N ILE B 305 27.59 -18.39 -20.24
CA ILE B 305 28.13 -18.81 -21.53
C ILE B 305 28.96 -17.69 -22.15
N LEU B 306 28.36 -16.51 -22.25
CA LEU B 306 29.05 -15.34 -22.80
C LEU B 306 30.38 -15.06 -22.09
N LEU B 307 30.38 -15.23 -20.78
CA LEU B 307 31.58 -15.01 -20.00
C LEU B 307 32.64 -16.05 -20.33
N GLU B 308 32.19 -17.30 -20.49
CA GLU B 308 33.13 -18.41 -20.69
C GLU B 308 33.67 -18.37 -22.11
N LEU B 309 32.87 -17.89 -23.05
CA LEU B 309 33.32 -17.75 -24.43
C LEU B 309 34.06 -16.43 -24.64
N GLY B 310 34.06 -15.58 -23.62
CA GLY B 310 34.77 -14.32 -23.69
C GLY B 310 34.21 -13.28 -24.65
N GLN B 311 32.91 -13.36 -24.95
CA GLN B 311 32.32 -12.38 -25.87
C GLN B 311 31.75 -11.19 -25.11
N PHE B 312 32.66 -10.35 -24.62
CA PHE B 312 32.28 -9.17 -23.88
C PHE B 312 33.25 -8.04 -24.16
N LYS B 313 32.94 -6.85 -23.65
CA LYS B 313 33.82 -5.71 -23.83
C LYS B 313 35.16 -5.98 -23.13
N LYS B 314 36.26 -5.78 -23.84
CA LYS B 314 37.59 -5.98 -23.28
C LYS B 314 38.11 -4.67 -22.71
N THR B 315 38.22 -4.60 -21.38
CA THR B 315 38.64 -3.38 -20.71
C THR B 315 39.03 -3.66 -19.27
N GLN B 316 39.44 -2.63 -18.55
CA GLN B 316 39.88 -2.74 -17.17
C GLN B 316 38.68 -2.78 -16.23
N ILE B 317 38.78 -3.55 -15.15
CA ILE B 317 37.71 -3.54 -14.14
C ILE B 317 38.24 -3.47 -12.72
N LEU B 318 37.45 -2.86 -11.85
CA LEU B 318 37.72 -2.82 -10.43
C LEU B 318 36.57 -3.54 -9.71
N VAL B 319 36.89 -4.52 -8.87
CA VAL B 319 35.87 -5.39 -8.27
C VAL B 319 36.13 -5.58 -6.78
N GLY B 320 35.09 -5.80 -5.97
CA GLY B 320 35.31 -6.10 -4.56
C GLY B 320 34.05 -6.30 -3.74
N VAL B 321 34.22 -6.57 -2.46
CA VAL B 321 33.12 -6.95 -1.58
C VAL B 321 33.40 -6.47 -0.16
N ASN B 322 32.40 -6.58 0.73
CA ASN B 322 32.60 -6.22 2.12
C ASN B 322 32.81 -7.47 2.98
N LYS B 323 33.19 -7.28 4.24
CA LYS B 323 33.54 -8.41 5.10
C LYS B 323 32.30 -9.18 5.56
N ASP B 324 31.20 -8.47 5.81
CA ASP B 324 29.99 -9.11 6.31
C ASP B 324 28.79 -8.85 5.38
N GLU B 325 28.93 -9.21 4.11
CA GLU B 325 27.88 -9.00 3.13
C GLU B 325 26.56 -9.66 3.51
N GLY B 326 26.63 -10.76 4.25
CA GLY B 326 25.45 -11.55 4.53
C GLY B 326 24.52 -11.06 5.63
N THR B 327 25.05 -10.32 6.59
CA THR B 327 24.32 -10.05 7.83
C THR B 327 23.01 -9.30 7.63
N ALA B 328 23.00 -8.37 6.69
CA ALA B 328 21.84 -7.53 6.46
C ALA B 328 20.59 -8.34 6.17
N PHE B 329 20.78 -9.49 5.53
CA PHE B 329 19.65 -10.27 5.05
C PHE B 329 19.14 -11.21 6.13
N LEU B 330 19.96 -11.45 7.14
CA LEU B 330 19.58 -12.34 8.23
C LEU B 330 18.58 -11.72 9.19
N VAL B 331 18.56 -10.39 9.31
CA VAL B 331 17.68 -9.75 10.29
C VAL B 331 16.28 -9.55 9.76
N TYR B 332 16.07 -9.90 8.49
CA TYR B 332 14.78 -9.73 7.85
C TYR B 332 14.06 -11.05 7.62
N GLY B 333 14.13 -11.98 8.56
CA GLY B 333 13.44 -13.24 8.37
C GLY B 333 14.01 -14.44 9.11
N ALA B 334 15.33 -14.57 9.13
CA ALA B 334 15.96 -15.68 9.85
C ALA B 334 15.56 -15.64 11.32
N PRO B 335 15.27 -16.80 11.91
CA PRO B 335 14.80 -16.90 13.29
C PRO B 335 15.89 -16.63 14.33
N GLY B 336 15.56 -15.88 15.37
CA GLY B 336 16.49 -15.65 16.46
C GLY B 336 17.35 -14.42 16.29
N PHE B 337 17.39 -13.90 15.08
CA PHE B 337 18.15 -12.69 14.79
C PHE B 337 17.30 -11.47 15.02
N SER B 338 17.93 -10.42 15.53
CA SER B 338 17.29 -9.12 15.70
C SER B 338 18.36 -8.03 15.71
N LYS B 339 17.95 -6.80 15.41
CA LYS B 339 18.89 -5.69 15.55
C LYS B 339 18.90 -5.19 16.99
N ASP B 340 17.95 -5.69 17.79
CA ASP B 340 17.82 -5.22 19.17
C ASP B 340 18.45 -6.15 20.22
N ASN B 341 18.95 -7.32 19.80
CA ASN B 341 19.73 -8.16 20.71
C ASN B 341 21.01 -8.64 20.02
N ASN B 342 21.88 -9.34 20.76
CA ASN B 342 23.16 -9.80 20.21
C ASN B 342 23.01 -10.98 19.24
N SER B 343 21.78 -11.46 19.08
CA SER B 343 21.42 -12.43 18.05
C SER B 343 22.25 -13.71 18.09
N ILE B 344 22.43 -14.26 19.28
CA ILE B 344 23.09 -15.56 19.41
C ILE B 344 22.13 -16.68 19.09
N ILE B 345 22.55 -17.60 18.23
CA ILE B 345 21.69 -18.69 17.83
C ILE B 345 22.30 -20.07 18.09
N THR B 346 21.44 -21.09 18.08
CA THR B 346 21.82 -22.45 18.41
C THR B 346 22.02 -23.28 17.14
N ARG B 347 22.63 -24.46 17.28
CA ARG B 347 22.93 -25.29 16.11
C ARG B 347 21.71 -25.53 15.24
N LYS B 348 20.55 -25.64 15.86
CA LYS B 348 19.35 -25.95 15.10
C LYS B 348 18.70 -24.69 14.56
N GLU B 349 18.88 -23.57 15.26
CA GLU B 349 18.47 -22.28 14.70
C GLU B 349 19.23 -22.00 13.42
N PHE B 350 20.51 -22.34 13.44
CA PHE B 350 21.32 -22.31 12.23
C PHE B 350 20.65 -23.13 11.14
N GLN B 351 20.12 -24.28 11.53
CA GLN B 351 19.56 -25.22 10.57
C GLN B 351 18.27 -24.71 9.90
N GLU B 352 17.40 -24.05 10.67
CA GLU B 352 16.19 -23.53 10.06
C GLU B 352 16.51 -22.31 9.20
N GLY B 353 17.57 -21.60 9.58
CA GLY B 353 18.05 -20.51 8.76
C GLY B 353 18.44 -20.99 7.39
N LEU B 354 19.24 -22.05 7.34
CA LEU B 354 19.66 -22.63 6.07
C LEU B 354 18.47 -23.09 5.24
N LYS B 355 17.37 -23.43 5.91
CA LYS B 355 16.23 -23.95 5.19
C LYS B 355 15.51 -22.79 4.52
N ILE B 356 15.55 -21.63 5.17
CA ILE B 356 15.01 -20.40 4.61
C ILE B 356 15.78 -19.90 3.39
N PHE B 357 17.11 -19.94 3.46
CA PHE B 357 17.90 -19.40 2.35
C PHE B 357 18.22 -20.42 1.29
N PHE B 358 17.94 -21.69 1.58
CA PHE B 358 18.11 -22.75 0.60
C PHE B 358 16.88 -23.64 0.60
N PRO B 359 15.76 -23.11 0.06
CA PRO B 359 14.48 -23.81 0.15
C PRO B 359 14.45 -25.09 -0.68
N GLY B 360 15.10 -25.09 -1.84
CA GLY B 360 15.01 -26.22 -2.75
C GLY B 360 16.12 -27.24 -2.58
N VAL B 361 17.03 -27.00 -1.65
CA VAL B 361 18.19 -27.86 -1.48
C VAL B 361 17.89 -29.00 -0.49
N SER B 362 18.34 -30.20 -0.85
CA SER B 362 18.11 -31.39 -0.03
C SER B 362 18.67 -31.25 1.38
N GLU B 363 18.23 -32.10 2.31
CA GLU B 363 18.73 -32.05 3.68
C GLU B 363 20.15 -32.59 3.74
N PHE B 364 20.54 -33.34 2.73
N PHE B 364 20.55 -33.32 2.72
CA PHE B 364 21.93 -33.76 2.58
CA PHE B 364 21.94 -33.73 2.60
C PHE B 364 22.78 -32.53 2.31
C PHE B 364 22.77 -32.49 2.35
N GLY B 365 22.31 -31.68 1.40
CA GLY B 365 23.02 -30.46 1.06
C GLY B 365 23.05 -29.44 2.17
N LYS B 366 21.95 -29.33 2.92
CA LYS B 366 21.90 -28.40 4.03
C LYS B 366 22.70 -28.94 5.21
N GLU B 367 23.16 -30.18 5.10
CA GLU B 367 24.08 -30.73 6.07
C GLU B 367 25.52 -30.59 5.63
N SER B 368 25.77 -30.76 4.33
CA SER B 368 27.10 -30.53 3.79
C SER B 368 27.52 -29.10 4.08
N ILE B 369 26.61 -28.16 3.84
CA ILE B 369 26.82 -26.76 4.19
C ILE B 369 27.14 -26.59 5.66
N LEU B 370 26.29 -27.16 6.52
CA LEU B 370 26.51 -27.11 7.94
C LEU B 370 27.90 -27.66 8.30
N PHE B 371 28.31 -28.71 7.61
CA PHE B 371 29.61 -29.28 7.86
C PHE B 371 30.71 -28.29 7.56
N HIS B 372 30.75 -27.78 6.34
CA HIS B 372 31.88 -26.97 5.86
C HIS B 372 32.08 -25.69 6.65
N TYR B 373 31.10 -25.32 7.46
CA TYR B 373 31.10 -24.03 8.13
C TYR B 373 31.06 -24.17 9.65
N THR B 374 31.55 -25.31 10.14
CA THR B 374 31.57 -25.54 11.58
C THR B 374 32.92 -26.08 12.05
N ASP B 375 33.92 -26.03 11.17
CA ASP B 375 35.28 -26.35 11.57
C ASP B 375 35.87 -25.22 12.41
N TRP B 376 35.34 -25.07 13.62
CA TRP B 376 35.67 -23.94 14.47
C TRP B 376 37.17 -23.77 14.73
N VAL B 377 37.57 -22.51 14.85
CA VAL B 377 38.88 -22.17 15.37
C VAL B 377 38.78 -22.18 16.90
N ASP B 378 37.71 -21.60 17.43
CA ASP B 378 37.48 -21.62 18.86
C ASP B 378 36.18 -22.38 19.11
N ASP B 379 36.25 -23.38 19.97
CA ASP B 379 35.16 -24.30 20.27
C ASP B 379 34.02 -23.67 21.07
N GLN B 380 34.38 -22.73 21.94
CA GLN B 380 33.45 -22.07 22.86
C GLN B 380 32.57 -20.99 22.21
N ARG B 381 33.22 -19.88 21.86
CA ARG B 381 32.61 -18.65 21.34
C ARG B 381 31.52 -18.02 22.25
N PRO B 382 30.20 -18.35 22.13
CA PRO B 382 29.15 -19.10 21.40
C PRO B 382 28.66 -18.45 20.11
N GLU B 383 29.25 -17.32 19.73
CA GLU B 383 28.83 -16.59 18.54
C GLU B 383 29.15 -17.31 17.24
N ASN B 384 29.72 -18.51 17.33
CA ASN B 384 30.15 -19.22 16.13
C ASN B 384 29.08 -19.34 15.06
N TYR B 385 27.90 -19.83 15.45
CA TYR B 385 26.85 -20.09 14.47
C TYR B 385 26.30 -18.81 13.87
N ARG B 386 26.05 -17.81 14.71
CA ARG B 386 25.58 -16.53 14.22
C ARG B 386 26.53 -15.97 13.15
N GLU B 387 27.83 -16.14 13.35
CA GLU B 387 28.77 -15.70 12.33
C GLU B 387 28.86 -16.70 11.19
N ALA B 388 28.52 -17.95 11.48
CA ALA B 388 28.62 -19.00 10.47
C ALA B 388 27.56 -18.82 9.39
N LEU B 389 26.33 -18.61 9.83
CA LEU B 389 25.20 -18.41 8.92
C LEU B 389 25.41 -17.15 8.10
N GLY B 390 25.91 -16.10 8.75
CA GLY B 390 26.29 -14.88 8.09
C GLY B 390 27.25 -15.16 6.95
N ASP B 391 28.31 -15.90 7.24
CA ASP B 391 29.33 -16.21 6.25
C ASP B 391 28.81 -17.08 5.13
N VAL B 392 27.81 -17.88 5.43
CA VAL B 392 27.23 -18.74 4.42
C VAL B 392 26.56 -17.90 3.36
N VAL B 393 25.63 -17.05 3.81
CA VAL B 393 24.92 -16.13 2.93
C VAL B 393 25.89 -15.24 2.15
N GLY B 394 26.78 -14.59 2.88
CA GLY B 394 27.77 -13.70 2.28
C GLY B 394 28.62 -14.36 1.23
N ASP B 395 29.15 -15.54 1.52
CA ASP B 395 30.07 -16.21 0.61
C ASP B 395 29.38 -16.69 -0.67
N TYR B 396 28.19 -17.27 -0.50
CA TYR B 396 27.42 -17.82 -1.61
C TYR B 396 26.81 -16.73 -2.47
N ASN B 397 26.23 -15.73 -1.82
CA ASN B 397 25.50 -14.73 -2.59
C ASN B 397 26.37 -13.63 -3.16
N PHE B 398 27.48 -13.31 -2.50
CA PHE B 398 28.28 -12.18 -2.94
C PHE B 398 29.75 -12.45 -3.16
N ILE B 399 30.43 -12.92 -2.12
CA ILE B 399 31.88 -13.00 -2.17
C ILE B 399 32.40 -14.02 -3.22
N CYS B 400 31.91 -15.25 -3.16
CA CYS B 400 32.37 -16.26 -4.13
C CYS B 400 32.02 -15.95 -5.59
N PRO B 401 30.79 -15.47 -5.88
CA PRO B 401 30.53 -15.17 -7.29
C PRO B 401 31.44 -14.06 -7.82
N ALA B 402 31.82 -13.13 -6.95
CA ALA B 402 32.68 -12.02 -7.33
C ALA B 402 34.10 -12.48 -7.67
N LEU B 403 34.72 -13.27 -6.80
CA LEU B 403 36.04 -13.80 -7.09
C LEU B 403 36.04 -14.59 -8.38
N GLU B 404 35.00 -15.40 -8.54
CA GLU B 404 34.79 -16.20 -9.73
C GLU B 404 34.66 -15.35 -10.99
N PHE B 405 33.93 -14.24 -10.88
CA PHE B 405 33.77 -13.37 -12.02
C PHE B 405 35.09 -12.70 -12.35
N THR B 406 35.81 -12.30 -11.32
CA THR B 406 37.09 -11.62 -11.50
C THR B 406 38.13 -12.56 -12.12
N LYS B 407 38.19 -13.79 -11.62
CA LYS B 407 39.09 -14.80 -12.20
C LYS B 407 38.87 -14.95 -13.70
N LYS B 408 37.64 -15.27 -14.10
CA LYS B 408 37.37 -15.52 -15.51
C LYS B 408 37.45 -14.27 -16.36
N PHE B 409 37.24 -13.10 -15.78
CA PHE B 409 37.33 -11.88 -16.57
C PHE B 409 38.79 -11.57 -16.85
N SER B 410 39.64 -11.85 -15.87
CA SER B 410 41.07 -11.57 -15.99
C SER B 410 41.73 -12.50 -17.01
N GLU B 411 41.16 -13.70 -17.15
CA GLU B 411 41.67 -14.74 -18.04
C GLU B 411 41.76 -14.34 -19.50
N TRP B 412 41.17 -13.21 -19.85
CA TRP B 412 41.17 -12.75 -21.24
C TRP B 412 42.09 -11.57 -21.49
N GLY B 413 43.04 -11.37 -20.58
CA GLY B 413 44.10 -10.42 -20.84
C GLY B 413 43.72 -9.01 -20.44
N ASN B 414 42.72 -8.87 -19.58
CA ASN B 414 42.36 -7.55 -19.07
C ASN B 414 42.72 -7.36 -17.62
N ASN B 415 43.11 -6.14 -17.28
CA ASN B 415 43.52 -5.83 -15.94
C ASN B 415 42.33 -5.78 -14.99
N ALA B 416 42.34 -6.64 -13.99
CA ALA B 416 41.31 -6.61 -12.98
C ALA B 416 41.93 -6.30 -11.62
N PHE B 417 41.22 -5.54 -10.81
CA PHE B 417 41.73 -5.20 -9.49
C PHE B 417 40.69 -5.57 -8.44
N PHE B 418 41.12 -6.23 -7.38
CA PHE B 418 40.17 -6.71 -6.39
C PHE B 418 40.41 -6.17 -5.00
N TYR B 419 39.32 -5.82 -4.33
CA TYR B 419 39.43 -5.21 -3.01
C TYR B 419 38.58 -5.99 -2.03
N TYR B 420 38.89 -5.83 -0.74
CA TYR B 420 38.15 -6.47 0.33
C TYR B 420 37.97 -5.42 1.43
N PHE B 421 36.75 -4.90 1.59
CA PHE B 421 36.52 -3.75 2.45
C PHE B 421 36.26 -4.18 3.91
N GLU B 422 37.18 -3.84 4.80
CA GLU B 422 37.15 -4.39 6.16
C GLU B 422 36.77 -3.41 7.27
N HIS B 423 36.52 -2.15 6.94
CA HIS B 423 36.20 -1.19 7.99
C HIS B 423 34.70 -0.99 8.23
N ARG B 424 34.29 -1.06 9.49
CA ARG B 424 32.93 -0.71 9.89
C ARG B 424 32.80 0.78 10.23
N SER B 425 31.75 1.42 9.72
CA SER B 425 31.54 2.85 9.97
C SER B 425 31.27 3.13 11.44
N SER B 426 31.87 4.20 11.94
CA SER B 426 31.64 4.61 13.33
C SER B 426 30.21 5.12 13.52
N LYS B 427 29.54 5.47 12.42
CA LYS B 427 28.14 5.95 12.47
C LYS B 427 27.14 4.92 11.99
N LEU B 428 27.61 3.70 11.73
CA LEU B 428 26.75 2.65 11.22
C LEU B 428 25.65 2.35 12.27
N PRO B 429 24.38 2.57 11.87
CA PRO B 429 23.17 2.47 12.72
C PRO B 429 22.80 1.06 13.17
N TRP B 430 23.31 0.04 12.50
CA TRP B 430 23.01 -1.36 12.83
C TRP B 430 23.87 -1.82 14.01
N PRO B 431 23.47 -2.92 14.68
CA PRO B 431 24.25 -3.44 15.82
C PRO B 431 25.66 -3.91 15.43
N GLU B 432 26.48 -4.13 16.46
CA GLU B 432 27.89 -4.43 16.24
C GLU B 432 28.15 -5.82 15.69
N TRP B 433 27.18 -6.72 15.85
CA TRP B 433 27.37 -8.10 15.40
C TRP B 433 27.21 -8.24 13.90
N MET B 434 26.60 -7.25 13.25
CA MET B 434 26.38 -7.33 11.80
C MET B 434 27.64 -6.98 11.02
N GLY B 435 28.64 -6.42 11.71
CA GLY B 435 29.93 -6.18 11.12
C GLY B 435 29.97 -5.19 9.97
N VAL B 436 30.78 -5.49 8.95
CA VAL B 436 30.97 -4.60 7.81
C VAL B 436 29.96 -4.89 6.72
N MET B 437 28.79 -4.28 6.86
CA MET B 437 27.59 -4.68 6.13
C MET B 437 27.56 -4.40 4.64
N HIS B 438 26.74 -5.20 3.95
CA HIS B 438 26.32 -4.94 2.59
C HIS B 438 25.94 -3.46 2.43
N GLY B 439 26.57 -2.78 1.48
CA GLY B 439 26.20 -1.41 1.14
C GLY B 439 26.91 -0.30 1.90
N TYR B 440 27.65 -0.62 2.94
CA TYR B 440 28.22 0.42 3.77
C TYR B 440 29.68 0.74 3.44
N GLU B 441 30.03 0.53 2.18
CA GLU B 441 31.26 1.11 1.65
C GLU B 441 30.91 2.30 0.78
N ILE B 442 29.62 2.40 0.43
CA ILE B 442 29.14 3.41 -0.51
C ILE B 442 29.40 4.84 -0.02
N GLU B 443 29.10 5.11 1.26
CA GLU B 443 29.33 6.45 1.83
C GLU B 443 30.82 6.81 1.80
N PHE B 444 31.68 5.80 1.85
CA PHE B 444 33.14 6.01 1.77
C PHE B 444 33.58 6.24 0.33
N VAL B 445 32.88 5.66 -0.63
CA VAL B 445 33.25 5.88 -2.03
C VAL B 445 32.80 7.28 -2.47
N PHE B 446 31.72 7.79 -1.87
CA PHE B 446 31.20 9.09 -2.26
C PHE B 446 31.76 10.25 -1.44
N GLY B 447 32.72 9.95 -0.57
CA GLY B 447 33.46 11.01 0.11
C GLY B 447 32.69 11.65 1.23
N LEU B 448 31.64 10.99 1.70
CA LEU B 448 30.85 11.53 2.80
C LEU B 448 31.66 11.84 4.08
N PRO B 449 32.64 10.99 4.46
CA PRO B 449 33.40 11.33 5.69
C PRO B 449 34.36 12.50 5.55
N LEU B 450 34.48 13.03 4.33
CA LEU B 450 35.30 14.22 4.10
C LEU B 450 34.66 15.44 4.76
N GLU B 451 33.37 15.36 5.02
CA GLU B 451 32.67 16.40 5.74
C GLU B 451 32.98 16.31 7.22
N ARG B 452 33.81 17.22 7.72
CA ARG B 452 34.28 17.16 9.09
C ARG B 452 33.19 17.54 10.10
N ARG B 453 32.14 18.19 9.63
CA ARG B 453 31.00 18.50 10.52
C ARG B 453 30.04 17.33 10.62
N ASP B 454 30.49 16.14 10.21
CA ASP B 454 29.56 15.03 9.98
C ASP B 454 29.80 13.81 10.88
N ASN B 455 30.54 14.00 11.97
CA ASN B 455 30.68 12.97 13.02
C ASN B 455 31.41 11.68 12.60
N TYR B 456 32.18 11.77 11.52
CA TYR B 456 33.06 10.66 11.18
C TYR B 456 34.42 10.88 11.86
N THR B 457 35.15 9.81 12.12
CA THR B 457 36.49 9.95 12.69
C THR B 457 37.48 10.45 11.65
N LYS B 458 38.60 10.96 12.12
CA LYS B 458 39.67 11.39 11.25
C LYS B 458 40.16 10.21 10.42
N ALA B 459 40.30 9.06 11.07
CA ALA B 459 40.78 7.84 10.40
C ALA B 459 39.88 7.49 9.22
N GLU B 460 38.58 7.70 9.40
CA GLU B 460 37.59 7.44 8.36
C GLU B 460 37.69 8.43 7.19
N GLU B 461 38.06 9.67 7.46
CA GLU B 461 38.22 10.65 6.38
C GLU B 461 39.43 10.31 5.51
N ILE B 462 40.52 9.92 6.16
CA ILE B 462 41.73 9.52 5.46
C ILE B 462 41.46 8.31 4.58
N LEU B 463 40.73 7.34 5.13
CA LEU B 463 40.34 6.14 4.39
C LEU B 463 39.46 6.51 3.21
N SER B 464 38.46 7.36 3.47
CA SER B 464 37.54 7.75 2.43
C SER B 464 38.31 8.44 1.30
N ARG B 465 39.25 9.32 1.67
CA ARG B 465 40.08 10.02 0.68
C ARG B 465 40.87 9.06 -0.21
N SER B 466 41.33 7.95 0.35
CA SER B 466 42.12 6.98 -0.40
C SER B 466 41.26 6.32 -1.47
N ILE B 467 40.12 5.80 -1.00
CA ILE B 467 39.19 5.11 -1.85
C ILE B 467 38.73 6.05 -2.95
N VAL B 468 38.40 7.28 -2.56
CA VAL B 468 37.96 8.31 -3.50
C VAL B 468 39.01 8.61 -4.58
N LYS B 469 40.25 8.77 -4.14
CA LYS B 469 41.38 9.01 -5.03
C LYS B 469 41.59 7.80 -5.98
N ARG B 470 41.63 6.60 -5.39
CA ARG B 470 41.89 5.39 -6.15
C ARG B 470 40.81 5.14 -7.20
N TRP B 471 39.57 5.32 -6.79
CA TRP B 471 38.43 5.14 -7.68
C TRP B 471 38.52 6.11 -8.84
N ALA B 472 38.82 7.36 -8.51
CA ALA B 472 38.91 8.41 -9.51
C ALA B 472 40.10 8.19 -10.45
N ASN B 473 41.22 7.74 -9.91
CA ASN B 473 42.39 7.49 -10.75
C ASN B 473 42.17 6.30 -11.68
N PHE B 474 41.51 5.27 -11.16
CA PHE B 474 41.10 4.14 -11.98
C PHE B 474 40.21 4.58 -13.15
N ALA B 475 39.24 5.45 -12.84
CA ALA B 475 38.36 5.95 -13.89
C ALA B 475 39.16 6.68 -14.97
N LYS B 476 40.09 7.51 -14.52
CA LYS B 476 40.91 8.33 -15.41
C LYS B 476 41.99 7.55 -16.14
N TYR B 477 42.78 6.77 -15.41
CA TYR B 477 44.00 6.17 -15.96
C TYR B 477 43.97 4.65 -16.12
N GLY B 478 43.00 3.98 -15.52
CA GLY B 478 42.91 2.54 -15.61
C GLY B 478 43.75 1.80 -14.58
N ASN B 479 44.26 2.56 -13.61
CA ASN B 479 45.09 2.03 -12.54
C ASN B 479 44.70 2.72 -11.24
N PRO B 480 44.26 1.94 -10.24
CA PRO B 480 43.72 2.49 -9.00
C PRO B 480 44.76 2.94 -7.97
N ASN B 481 45.83 3.61 -8.41
CA ASN B 481 46.88 4.10 -7.52
C ASN B 481 46.53 5.36 -6.74
N GLU B 482 47.21 5.56 -5.62
CA GLU B 482 47.05 6.79 -4.84
C GLU B 482 48.26 7.69 -5.13
N THR B 483 48.67 8.47 -4.12
CA THR B 483 49.88 9.29 -4.24
C THR B 483 51.14 8.46 -4.02
N ASN B 486 53.94 7.40 -1.39
CA ASN B 486 53.58 7.09 0.00
C ASN B 486 52.21 6.42 0.08
N SER B 487 52.02 5.38 -0.71
CA SER B 487 50.78 4.60 -0.73
C SER B 487 51.04 3.19 -1.25
N THR B 488 50.28 2.21 -0.76
CA THR B 488 50.48 0.82 -1.16
C THR B 488 50.14 0.60 -2.63
N SER B 489 51.09 0.05 -3.39
CA SER B 489 50.85 -0.20 -4.81
C SER B 489 49.84 -1.32 -4.96
N TRP B 490 48.79 -1.07 -5.73
CA TRP B 490 47.71 -2.03 -5.94
C TRP B 490 47.93 -2.88 -7.20
N PRO B 491 48.19 -4.19 -7.00
CA PRO B 491 48.53 -5.11 -8.09
C PRO B 491 47.32 -5.66 -8.85
N VAL B 492 47.56 -6.07 -10.09
CA VAL B 492 46.53 -6.71 -10.89
C VAL B 492 46.15 -8.07 -10.27
N PHE B 493 44.87 -8.41 -10.35
CA PHE B 493 44.39 -9.74 -10.01
C PHE B 493 44.65 -10.65 -11.22
N LYS B 494 45.49 -11.67 -11.04
CA LYS B 494 45.76 -12.67 -12.09
C LYS B 494 45.30 -14.04 -11.62
N SER B 495 44.87 -14.88 -12.55
CA SER B 495 44.28 -16.16 -12.15
C SER B 495 45.27 -17.05 -11.39
N THR B 496 46.55 -16.86 -11.63
CA THR B 496 47.59 -17.64 -10.97
C THR B 496 47.73 -17.26 -9.50
N GLU B 497 48.19 -16.03 -9.27
CA GLU B 497 48.52 -15.56 -7.93
C GLU B 497 47.31 -14.99 -7.18
N GLN B 498 46.39 -14.38 -7.93
CA GLN B 498 45.11 -13.88 -7.42
C GLN B 498 45.19 -12.93 -6.23
N LYS B 499 45.94 -11.84 -6.39
CA LYS B 499 46.12 -10.90 -5.29
C LYS B 499 45.01 -9.84 -5.19
N TYR B 500 44.68 -9.49 -3.94
CA TYR B 500 43.67 -8.49 -3.67
C TYR B 500 44.16 -7.52 -2.58
N LEU B 501 43.51 -6.36 -2.47
CA LEU B 501 43.91 -5.33 -1.52
C LEU B 501 42.87 -5.15 -0.42
N THR B 502 43.28 -5.07 0.85
CA THR B 502 42.28 -4.76 1.87
C THR B 502 42.19 -3.26 2.12
N LEU B 503 40.99 -2.82 2.48
CA LEU B 503 40.75 -1.41 2.76
C LEU B 503 40.26 -1.28 4.20
N ASN B 504 41.08 -0.67 5.04
CA ASN B 504 40.70 -0.42 6.42
C ASN B 504 41.52 0.76 6.91
N THR B 505 41.21 1.23 8.11
CA THR B 505 41.88 2.38 8.68
C THR B 505 43.32 2.05 9.10
N GLU B 506 43.52 0.83 9.58
CA GLU B 506 44.81 0.44 10.13
C GLU B 506 45.90 0.36 9.08
N SER B 507 45.95 -0.75 8.35
CA SER B 507 47.04 -1.01 7.43
C SER B 507 46.51 -1.71 6.19
N THR B 508 46.54 -1.02 5.06
CA THR B 508 46.10 -1.58 3.79
C THR B 508 47.15 -2.54 3.23
N ARG B 509 46.85 -3.84 3.26
CA ARG B 509 47.80 -4.90 2.89
C ARG B 509 47.48 -5.55 1.54
N ILE B 510 48.45 -6.20 0.93
CA ILE B 510 48.14 -7.03 -0.23
C ILE B 510 48.09 -8.48 0.21
N MET B 511 47.07 -9.20 -0.24
CA MET B 511 46.89 -10.59 0.16
C MET B 511 46.49 -11.44 -1.01
N THR B 512 46.33 -12.72 -0.75
CA THR B 512 46.14 -13.68 -1.84
C THR B 512 44.98 -14.60 -1.55
N LYS B 513 44.32 -15.06 -2.61
CA LYS B 513 43.37 -16.16 -2.52
C LYS B 513 42.30 -15.90 -1.48
N LEU B 514 41.49 -14.87 -1.71
CA LEU B 514 40.47 -14.48 -0.74
C LEU B 514 39.53 -15.64 -0.46
N ARG B 515 39.38 -15.96 0.83
CA ARG B 515 38.50 -17.03 1.33
C ARG B 515 38.41 -18.24 0.41
N ALA B 516 39.57 -18.67 -0.10
CA ALA B 516 39.67 -19.72 -1.12
C ALA B 516 39.12 -21.06 -0.67
N GLN B 517 39.20 -21.31 0.64
CA GLN B 517 38.71 -22.56 1.21
C GLN B 517 37.18 -22.63 1.18
N GLN B 518 36.51 -21.55 1.58
CA GLN B 518 35.05 -21.50 1.57
C GLN B 518 34.51 -21.49 0.14
N CYS B 519 35.13 -20.71 -0.73
CA CYS B 519 34.66 -20.62 -2.10
C CYS B 519 34.87 -21.90 -2.86
N ARG B 520 35.75 -22.76 -2.33
CA ARG B 520 36.01 -24.05 -2.97
C ARG B 520 34.74 -24.89 -2.96
N PHE B 521 34.06 -24.89 -1.83
CA PHE B 521 32.81 -25.62 -1.62
C PHE B 521 31.71 -25.16 -2.57
N TRP B 522 31.45 -23.85 -2.63
CA TRP B 522 30.40 -23.30 -3.50
C TRP B 522 30.67 -23.48 -4.98
N THR B 523 31.93 -23.43 -5.40
CA THR B 523 32.23 -23.57 -6.81
C THR B 523 32.36 -25.01 -7.28
N SER B 524 32.82 -25.91 -6.40
CA SER B 524 33.11 -27.27 -6.86
C SER B 524 32.40 -28.41 -6.12
N PHE B 525 31.49 -28.11 -5.21
CA PHE B 525 30.74 -29.18 -4.56
C PHE B 525 29.23 -28.91 -4.51
N PHE B 526 28.84 -27.70 -4.11
CA PHE B 526 27.41 -27.34 -4.05
C PHE B 526 26.67 -27.53 -5.37
N PRO B 527 27.34 -27.28 -6.52
CA PRO B 527 26.64 -27.58 -7.77
C PRO B 527 26.29 -29.06 -8.02
N LYS B 528 26.78 -29.96 -7.18
CA LYS B 528 26.55 -31.39 -7.38
C LYS B 528 25.53 -31.93 -6.37
N VAL B 529 24.91 -31.03 -5.63
CA VAL B 529 23.88 -31.41 -4.67
C VAL B 529 22.51 -31.11 -5.24
N LEU B 530 21.46 -31.71 -4.68
C1 NAG C . -31.90 34.20 0.45
C2 NAG C . -33.37 34.46 0.22
C3 NAG C . -33.60 35.91 -0.19
C4 NAG C . -32.93 36.84 0.81
C5 NAG C . -31.47 36.46 1.01
C6 NAG C . -30.78 37.33 2.04
C7 NAG C . -34.78 32.65 -0.55
C8 NAG C . -35.85 33.07 0.41
N2 NAG C . -33.86 33.57 -0.80
O3 NAG C . -34.99 36.21 -0.21
O4 NAG C . -33.01 38.21 0.38
O5 NAG C . -31.39 35.09 1.42
O6 NAG C . -29.52 36.76 2.43
O7 NAG C . -34.76 31.56 -1.07
C1 NAG C . -34.14 38.65 -0.41
C2 NAG C . -35.39 38.76 0.46
C3 NAG C . -35.32 39.89 1.50
C4 NAG C . -33.94 40.51 1.71
C5 NAG C . -33.16 40.64 0.39
C6 NAG C . -31.75 40.10 0.57
C7 NAG C . -37.40 37.99 -0.64
C8 NAG C . -37.29 37.38 -2.00
N2 NAG C . -36.53 38.98 -0.39
O3 NAG C . -35.79 39.41 2.76
O4 NAG C . -34.08 41.80 2.31
O5 NAG C . -33.79 39.99 -0.72
O6 NAG C . -31.23 40.57 1.82
O7 NAG C . -38.21 37.64 0.19
C1 FUL C . -29.39 37.88 2.36
C2 FUL C . -28.17 37.69 3.25
O2 FUL C . -28.44 36.67 4.22
C3 FUL C . -26.94 37.31 2.44
O3 FUL C . -25.78 37.36 3.28
C4 FUL C . -26.75 38.25 1.26
O4 FUL C . -26.32 39.53 1.72
C5 FUL C . -28.06 38.41 0.48
C6 FUL C . -27.89 39.40 -0.66
O5 FUL C . -29.08 38.85 1.36
C1 NAG D . -8.49 16.53 -12.28
C2 NAG D . -8.17 17.36 -13.52
C3 NAG D . -8.40 16.53 -14.77
C4 NAG D . -7.63 15.21 -14.69
C5 NAG D . -7.98 14.49 -13.39
C6 NAG D . -7.17 13.23 -13.17
C7 NAG D . -8.52 19.79 -13.25
C8 NAG D . -7.07 19.88 -12.87
N2 NAG D . -8.98 18.57 -13.56
O3 NAG D . -7.98 17.26 -15.92
O4 NAG D . -7.94 14.40 -15.82
O5 NAG D . -7.71 15.34 -12.28
O6 NAG D . -7.73 12.41 -12.15
O7 NAG D . -9.24 20.78 -13.29
C1 NAG D . -8.38 13.68 -17.06
C2 NAG D . -7.74 14.15 -18.36
C3 NAG D . -7.53 12.97 -19.30
C4 NAG D . -6.76 11.86 -18.61
C5 NAG D . -7.41 11.49 -17.27
C6 NAG D . -6.57 10.52 -16.47
C7 NAG D . -8.06 16.43 -19.19
C8 NAG D . -9.00 17.38 -19.86
N2 NAG D . -8.52 15.19 -18.99
O3 NAG D . -6.82 13.39 -20.46
O4 NAG D . -6.70 10.70 -19.45
O5 NAG D . -7.57 12.66 -16.46
O6 NAG D . -7.05 10.37 -15.14
O7 NAG D . -6.93 16.77 -18.85
C1 NAG E . -46.02 -14.27 4.41
C2 NAG E . -45.10 -15.38 4.97
C3 NAG E . -45.78 -16.15 6.11
C4 NAG E . -46.48 -15.23 7.10
C5 NAG E . -47.36 -14.25 6.35
C6 NAG E . -48.14 -13.28 7.21
C7 NAG E . -43.91 -15.98 2.89
C8 NAG E . -43.66 -17.07 1.89
N2 NAG E . -44.73 -16.29 3.90
O3 NAG E . -44.81 -16.95 6.78
O4 NAG E . -47.28 -16.00 7.98
O5 NAG E . -46.52 -13.48 5.48
O6 NAG E . -47.49 -12.97 8.43
O7 NAG E . -43.37 -14.88 2.81
C1 NAG E . -48.09 -17.13 8.52
C2 NAG E . -48.26 -16.62 9.94
C3 NAG E . -49.73 -16.60 10.33
C4 NAG E . -50.58 -16.15 9.16
C5 NAG E . -50.44 -17.15 8.00
C6 NAG E . -50.37 -16.49 6.64
C7 NAG E . -46.95 -16.91 12.00
C8 NAG E . -46.18 -17.88 12.86
N2 NAG E . -47.49 -17.42 10.89
O3 NAG E . -49.93 -15.73 11.44
O4 NAG E . -51.94 -16.05 9.54
O5 NAG E . -49.24 -17.92 8.15
O6 NAG E . -51.31 -17.04 5.74
O7 NAG E . -47.06 -15.73 12.30
C1 NAG F . 1.37 7.74 0.65
C2 NAG F . 2.08 9.05 0.28
C3 NAG F . 1.71 9.45 -1.13
C4 NAG F . 2.09 8.33 -2.10
C5 NAG F . 1.39 7.03 -1.68
C6 NAG F . 1.83 5.84 -2.51
C7 NAG F . 2.32 10.22 2.43
C8 NAG F . 1.87 11.40 3.25
N2 NAG F . 1.76 10.11 1.22
O3 NAG F . 2.37 10.67 -1.46
O4 NAG F . 1.71 8.65 -3.44
O5 NAG F . 1.70 6.72 -0.31
O6 NAG F . 0.74 5.02 -2.90
O7 NAG F . 3.13 9.41 2.85
C1 NAG F . 2.34 9.51 -4.42
C2 NAG F . 1.85 9.05 -5.81
C3 NAG F . 2.32 10.02 -6.90
C4 NAG F . 2.00 11.46 -6.55
C5 NAG F . 2.52 11.80 -5.16
C6 NAG F . 2.15 13.20 -4.71
C7 NAG F . 1.54 6.72 -6.56
C8 NAG F . 0.10 7.07 -6.81
N2 NAG F . 2.32 7.70 -6.08
O3 NAG F . 1.68 9.67 -8.13
O4 NAG F . 2.60 12.34 -7.49
O5 NAG F . 1.96 10.89 -4.20
O6 NAG F . 2.12 13.30 -3.28
O7 NAG F . 1.99 5.60 -6.79
C1 NAG G . 8.39 9.41 15.32
C2 NAG G . 9.17 9.64 16.64
C3 NAG G . 8.26 10.23 17.71
C4 NAG G . 7.06 9.33 18.00
C5 NAG G . 6.63 8.59 16.73
C6 NAG G . 5.14 8.36 16.66
C7 NAG G . 11.00 7.99 16.64
C8 NAG G . 11.50 6.71 17.24
N2 NAG G . 9.82 8.42 17.11
O3 NAG G . 7.81 11.52 17.30
O4 NAG G . 7.35 8.40 19.04
O5 NAG G . 6.99 9.38 15.59
O6 NAG G . 4.82 7.26 15.81
O7 NAG G . 11.62 8.60 15.78
C1 NAG G . 6.44 8.51 20.19
C2 NAG G . 5.91 7.29 20.96
C3 NAG G . 4.79 7.72 21.90
C4 NAG G . 5.28 8.83 22.82
C5 NAG G . 5.84 9.98 22.00
C6 NAG G . 6.46 11.07 22.85
C7 NAG G . 6.18 5.18 19.74
C8 NAG G . 7.52 5.08 20.39
N2 NAG G . 5.45 6.25 20.05
O3 NAG G . 4.35 6.60 22.65
O4 NAG G . 4.22 9.29 23.65
O5 NAG G . 6.87 9.52 21.12
O6 NAG G . 7.27 11.93 22.08
O7 NAG G . 5.77 4.31 18.97
C10 40V H . -28.87 0.94 13.79
C13 40V H . -28.23 -1.39 12.66
C15 40V H . -27.79 -0.05 13.20
C17 40V H . -33.64 0.97 18.65
C20 40V H . -28.91 -0.42 17.98
C21 40V H . -31.30 -0.38 18.37
C22 40V H . -30.32 1.40 17.17
C24 40V H . -32.46 1.24 17.61
C26 40V H . -27.87 1.12 16.47
C28 40V H . -25.96 3.73 16.03
C01 40V H . -37.21 2.74 17.67
C02 40V H . -36.61 3.85 16.81
C03 40V H . -28.98 -4.03 11.59
C04 40V H . -30.05 -3.12 12.16
C05 40V H . -36.29 1.71 18.34
C06 40V H . -35.08 3.94 16.60
C07 40V H . -30.33 0.55 13.83
C08 40V H . -27.51 -3.60 11.56
C09 40V H . -29.68 -1.80 12.68
C11 40V H . -34.75 1.81 18.13
C12 40V H . -34.17 2.92 17.27
C14 40V H . -30.77 -0.80 13.30
C16 40V H . -28.41 2.33 14.35
C18 40V H . -32.68 2.77 17.25
C19 40V H . -29.93 -0.80 18.88
C23 40V H . -28.93 0.96 17.61
C25 40V H . -24.44 3.18 14.28
C27 40V H . -27.42 3.65 16.30
N29 40V H . -27.15 -2.29 12.09
N30 40V H . -31.36 1.02 18.08
N31 40V H . -27.90 2.34 15.74
N32 40V H . -32.18 -1.06 13.39
O33 40V H . -33.03 -0.05 13.76
O34 40V H . -28.44 3.35 13.68
O35 40V H . -32.65 -2.14 13.16
O36 40V H . -26.41 0.31 13.16
O37 40V H . -25.75 3.54 14.63
C1 NAG I . -14.83 34.06 4.10
C2 NAG I . -15.28 35.51 4.04
C3 NAG I . -14.38 36.32 3.11
C4 NAG I . -14.24 35.62 1.77
C5 NAG I . -13.86 34.15 1.94
C6 NAG I . -12.46 34.01 2.53
C7 NAG I . -17.62 36.03 4.38
C8 NAG I . -17.54 35.59 5.81
N2 NAG I . -16.65 35.59 3.59
O3 NAG I . -13.10 36.47 3.72
O4 NAG I . -15.46 35.72 1.04
O5 NAG I . -14.81 33.51 2.79
O6 NAG I . -11.89 32.77 2.10
O7 NAG I . -18.52 36.74 3.98
C1 FUL J . -48.65 -12.09 9.30
C2 FUL J . -47.85 -11.94 10.58
O2 FUL J . -46.70 -12.79 10.54
C3 FUL J . -47.41 -10.49 10.78
O3 FUL J . -46.87 -10.34 12.09
C4 FUL J . -48.59 -9.54 10.59
O4 FUL J . -49.48 -9.65 11.70
C5 FUL J . -49.34 -9.84 9.30
C6 FUL J . -50.55 -8.93 9.15
O5 FUL J . -49.76 -11.19 9.31
C1 NAG K . -29.94 -5.25 36.13
C2 NAG K . -30.38 -6.67 36.50
C3 NAG K . -31.59 -7.15 35.71
C4 NAG K . -32.69 -6.09 35.65
C5 NAG K . -32.16 -4.66 35.52
C6 NAG K . -32.34 -3.88 36.82
C7 NAG K . -28.19 -7.53 37.09
C8 NAG K . -27.22 -8.66 36.92
N2 NAG K . -29.28 -7.59 36.32
O3 NAG K . -32.11 -8.34 36.31
O4 NAG K . -33.55 -6.37 34.55
O5 NAG K . -30.78 -4.65 35.14
O6 NAG K . -31.66 -2.63 36.73
O7 NAG K . -28.00 -6.62 37.89
C1 FUC L . -33.81 -1.23 35.81
C2 FUC L . -35.11 -1.86 35.35
C3 FUC L . -35.91 -2.51 36.48
C4 FUC L . -35.79 -1.73 37.79
C5 FUC L . -34.34 -1.32 38.11
C6 FUC L . -34.18 0.19 38.36
O2 FUC L . -34.84 -2.85 34.34
O3 FUC L . -37.29 -2.60 36.10
O4 FUC L . -36.68 -0.61 37.73
O5 FUC L . -33.42 -1.71 37.10
C1 FUL M . 3.88 5.64 15.89
C2 FUL M . 4.64 4.69 14.99
O2 FUL M . 5.82 4.23 15.67
C3 FUL M . 3.78 3.50 14.60
O3 FUL M . 4.45 2.75 13.57
C4 FUL M . 2.42 3.95 14.09
O4 FUL M . 2.57 4.56 12.80
C5 FUL M . 1.78 4.94 15.05
C6 FUL M . 0.45 5.44 14.50
O5 FUL M . 2.66 6.04 15.25
CL CL N . -4.85 21.38 11.67
CL CL O . 0.88 2.25 5.36
CL CL P . -16.71 -5.87 33.33
C1 EDO Q . -15.90 -6.47 27.25
O1 EDO Q . -15.14 -5.26 27.11
C2 EDO Q . -16.38 -6.59 28.70
O2 EDO Q . -15.35 -7.17 29.52
C1 EDO R . -5.89 20.84 -4.52
O1 EDO R . -6.54 20.37 -5.70
C2 EDO R . -5.56 22.33 -4.67
O2 EDO R . -4.57 22.74 -3.73
C10 40V S . 18.69 -4.77 -1.58
C13 40V S . 19.80 -6.94 -2.70
C15 40V S . 19.96 -5.55 -2.12
C17 40V S . 14.54 -4.22 1.03
C20 40V S . 18.62 -6.31 2.37
C21 40V S . 16.16 -6.50 2.50
C22 40V S . 17.12 -4.45 1.78
C24 40V S . 15.01 -4.57 2.52
C26 40V S . 19.59 -4.49 1.12
C28 40V S . 21.01 -1.75 1.26
C01 40V S . 10.55 -3.34 0.74
C02 40V S . 10.11 -4.12 1.99
C03 40V S . 19.57 -9.65 -3.86
C04 40V S . 18.34 -8.94 -3.36
C05 40V S . 12.01 -3.32 0.33
C06 40V S . 11.15 -4.88 2.83
C07 40V S . 17.33 -5.41 -1.63
C08 40V S . 20.93 -8.96 -3.79
C09 40V S . 18.44 -7.59 -2.77
C11 40V S . 13.06 -4.08 1.18
C12 40V S . 12.62 -4.86 2.41
C14 40V S . 17.16 -6.80 -2.22
C16 40V S . 18.86 -3.33 -0.96
C18 40V S . 13.82 -5.49 3.04
C19 40V S . 17.53 -6.93 3.05
C23 40V S . 18.51 -4.89 2.20
C25 40V S . 22.83 -2.22 -0.20
C27 40V S . 19.54 -1.91 1.09
N29 40V S . 21.03 -7.62 -3.21
N30 40V S . 16.11 -5.09 2.58
N31 40V S . 19.32 -3.26 0.44
N32 40V S . 15.83 -7.34 -2.24
O33 40V S . 14.76 -6.49 -2.41
O34 40V S . 18.64 -2.30 -1.59
O35 40V S . 15.63 -8.52 -2.14
O36 40V S . 21.26 -4.98 -2.09
O37 40V S . 21.61 -1.57 -0.03
C1 NAG T . 27.04 30.73 -9.50
C2 NAG T . 28.48 30.27 -9.35
C3 NAG T . 29.45 31.25 -10.00
C4 NAG T . 28.99 31.60 -11.42
C5 NAG T . 27.52 31.98 -11.44
C6 NAG T . 27.05 32.26 -12.86
C7 NAG T . 28.65 31.10 -7.07
C8 NAG T . 29.81 31.37 -6.17
N2 NAG T . 28.81 30.10 -7.94
O3 NAG T . 30.76 30.68 -10.05
O4 NAG T . 29.78 32.69 -11.91
O5 NAG T . 26.75 30.93 -10.88
O6 NAG T . 25.65 32.58 -12.85
O7 NAG T . 27.63 31.75 -7.03
C1 NAG U . 13.09 28.12 -13.98
C2 NAG U . 11.65 28.32 -13.55
C3 NAG U . 11.28 29.80 -13.50
C4 NAG U . 12.32 30.59 -12.72
C5 NAG U . 13.73 30.26 -13.20
C6 NAG U . 14.78 31.00 -12.37
C7 NAG U . 10.73 27.91 -15.76
C8 NAG U . 9.77 27.09 -16.59
N2 NAG U . 10.75 27.62 -14.46
O3 NAG U . 10.00 29.95 -12.89
O4 NAG U . 12.08 31.99 -12.89
O5 NAG U . 13.94 28.86 -13.10
O6 NAG U . 14.83 30.43 -11.06
O7 NAG U . 11.42 28.78 -16.25
C1 NAG V . 39.50 14.48 -25.29
C2 NAG V . 39.60 13.02 -25.77
C3 NAG V . 40.28 12.87 -27.12
C4 NAG V . 39.93 14.02 -28.07
C5 NAG V . 39.98 15.40 -27.41
C6 NAG V . 38.63 16.09 -27.53
C7 NAG V . 41.51 12.59 -24.33
C8 NAG V . 42.11 11.69 -23.30
N2 NAG V . 40.31 12.24 -24.77
O3 NAG V . 39.89 11.63 -27.71
O4 NAG V . 40.83 13.99 -29.19
O5 NAG V . 40.36 15.33 -26.04
O6 NAG V . 38.69 17.37 -26.88
O7 NAG V . 42.10 13.58 -24.74
C1 NAG W . 5.15 -22.15 -11.09
C2 NAG W . 5.82 -23.28 -10.30
C3 NAG W . 5.47 -23.29 -8.81
C4 NAG W . 3.98 -23.08 -8.58
C5 NAG W . 3.32 -22.12 -9.57
C6 NAG W . 2.36 -21.17 -8.86
C7 NAG W . 6.32 -25.22 -11.68
C8 NAG W . 7.77 -25.13 -11.29
N2 NAG W . 5.47 -24.56 -10.89
O3 NAG W . 6.21 -22.26 -8.15
O4 NAG W . 3.31 -24.34 -8.65
O5 NAG W . 4.31 -21.34 -10.26
O6 NAG W . 3.06 -20.45 -7.84
O7 NAG W . 5.94 -25.86 -12.65
C1 FUL X . 2.24 -19.35 -7.00
C2 FUL X . 1.31 -18.17 -7.29
O2 FUL X . 0.60 -18.41 -8.51
C3 FUL X . 0.32 -17.96 -6.16
O3 FUL X . -0.38 -16.72 -6.35
C4 FUL X . 1.04 -17.94 -4.80
O4 FUL X . 1.78 -16.72 -4.68
C5 FUL X . 1.98 -19.13 -4.66
C6 FUL X . 2.74 -19.06 -3.34
O5 FUL X . 2.90 -19.14 -5.75
C1 NAG Y . -5.04 -11.40 -28.94
C2 NAG Y . -5.14 -11.58 -30.45
C3 NAG Y . -6.05 -10.50 -31.06
C4 NAG Y . -7.36 -10.40 -30.30
C5 NAG Y . -7.12 -10.29 -28.81
C6 NAG Y . -8.44 -10.26 -28.04
C7 NAG Y . -3.15 -12.63 -31.33
C8 NAG Y . -1.85 -12.43 -32.04
N2 NAG Y . -3.83 -11.53 -31.05
O3 NAG Y . -6.31 -10.84 -32.43
O4 NAG Y . -8.08 -9.25 -30.76
O5 NAG Y . -6.35 -11.40 -28.37
O6 NAG Y . -8.50 -11.37 -27.14
O7 NAG Y . -3.56 -13.74 -31.03
C1 NAG Z . 15.81 -11.38 20.43
C2 NAG Z . 16.18 -12.80 20.88
C3 NAG Z . 15.43 -13.91 20.14
C4 NAG Z . 13.99 -13.51 19.82
C5 NAG Z . 13.85 -12.07 19.29
C6 NAG Z . 12.92 -11.25 20.18
C7 NAG Z . 18.39 -13.25 21.77
C8 NAG Z . 19.86 -13.35 21.49
N2 NAG Z . 17.61 -13.00 20.73
O3 NAG Z . 15.43 -15.10 20.92
O4 NAG Z . 13.44 -14.41 18.86
O5 NAG Z . 15.11 -11.40 19.19
O6 NAG Z . 12.46 -10.10 19.47
O7 NAG Z . 17.94 -13.41 22.90
C1 NAG AA . 26.49 14.52 14.24
C2 NAG AA . 25.19 14.98 13.59
C3 NAG AA . 24.43 15.92 14.52
C4 NAG AA . 24.30 15.33 15.91
C5 NAG AA . 25.65 14.84 16.43
C6 NAG AA . 25.51 14.18 17.79
C7 NAG AA . 25.28 15.05 11.17
C8 NAG AA . 25.54 15.89 9.96
N2 NAG AA . 25.48 15.65 12.34
O3 NAG AA . 23.12 16.16 13.98
O4 NAG AA . 23.78 16.32 16.81
O5 NAG AA . 26.20 13.91 15.50
O6 NAG AA . 26.79 14.13 18.43
O7 NAG AA . 24.89 13.89 11.10
C1 NAG BA . 49.23 7.12 -10.22
C2 NAG BA . 50.32 8.17 -10.04
C3 NAG BA . 50.44 9.05 -11.29
C4 NAG BA . 50.53 8.19 -12.55
C5 NAG BA . 49.43 7.13 -12.58
C6 NAG BA . 49.58 6.23 -13.79
C7 NAG BA . 48.93 9.75 -8.83
C8 NAG BA . 48.75 10.53 -7.55
N2 NAG BA . 50.03 9.00 -8.88
O3 NAG BA . 51.61 9.87 -11.18
O4 NAG BA . 50.41 9.03 -13.70
O5 NAG BA . 49.50 6.34 -11.39
O6 NAG BA . 49.42 7.01 -14.98
O7 NAG BA . 48.13 9.81 -9.75
CL CL CA . 15.60 -15.31 -8.87
C1 EDO DA . -8.05 -0.80 -11.15
O1 EDO DA . -6.78 -1.01 -10.52
C2 EDO DA . -8.31 -1.90 -12.17
O2 EDO DA . -8.35 -3.16 -11.51
C1 EDO EA . 10.47 -5.51 -2.48
O1 EDO EA . 9.22 -6.11 -2.88
C2 EDO EA . 11.59 -6.54 -2.62
O2 EDO EA . 12.18 -6.78 -1.35
#